data_6HAY
#
_entry.id   6HAY
#
_cell.length_a   79.725
_cell.length_b   117.260
_cell.length_c   121.557
_cell.angle_alpha   90.000
_cell.angle_beta   90.000
_cell.angle_gamma   90.000
#
_symmetry.space_group_name_H-M   'P 21 21 21'
#
loop_
_entity.id
_entity.type
_entity.pdbx_description
1 polymer 'Probable global transcription activator SNF2L2'
2 polymer 'von Hippel-Lindau disease tumor suppressor'
3 polymer Elongin-C
4 polymer Elongin-B
5 non-polymer (2~{S},4~{R})-~{N}-[[2-[2-[2-[2-[4-[3-azanyl-6-(2-hydroxyphenyl)pyridazin-4-yl]piperazin-1-yl]ethoxy]ethoxy]ethoxy]-4-(4-methyl-1,3-thiazol-5-yl)phenyl]methyl]-1-[(2~{S})-2-[(1-fluoranylcyclopropyl)carbonylamino]-3,3-dimethyl-butanoyl]-4-oxidanyl-pyrrolidine-2-carboxamide
6 non-polymer 1,2-ETHANEDIOL
7 non-polymer 'FORMIC ACID'
8 non-polymer '4-(2-HYDROXYETHYL)-1-PIPERAZINE ETHANESULFONIC ACID'
9 water water
#
loop_
_entity_poly.entity_id
_entity_poly.type
_entity_poly.pdbx_seq_one_letter_code
_entity_poly.pdbx_strand_id
1 'polypeptide(L)'
;SMAEKLSPNPPKLTKQMNAIIDTVINYKDSSGRQLSEVFIQLPSRKELPEYYELIRKPVDFKKIKERIRNHKYRSLGDLE
KDVMLLCHNAQTFNLEGSQIYEDSIVLQSVFKSARQKIAKEEE
;
A,E
2 'polypeptide(L)'
;GSMEAGRPRPVLRSVNSREPSQVIFCNRSPRVVLPVWLNFDGEPQPYPTLPPGTGRRIHSYRGHLWLFRDAGTHDGLLVN
QTELFVPSLNVDGQPIFANITLPVYTLKERCLQVVRSLVKPENYRRLDIVRSLYEDLEDHPNVQKDLERLTQERIAHQRM
GD
;
B,F
3 'polypeptide(L)'
;MMYVKLISSDGHEFIVKREHALTSGTIKAMLSGPGQFAENETNEVNFREIPSHVLSKVCMYFTYKVRYTNSSTEIPEFPI
APEIALELLMAANFLDC
;
C,G
4 'polypeptide(L)'
;MDVFLMIRRHKTTIFTDAKESSTVFELKRIVEGILKRPPDEQRLYKDDQLLDDGKTLGECGFTSQTARPQAPATVGLAFR
ADDTFEALCIEPFSSPPELPDVMK
;
D,H
#
loop_
_chem_comp.id
_chem_comp.type
_chem_comp.name
_chem_comp.formula
EDO non-polymer 1,2-ETHANEDIOL 'C2 H6 O2'
EPE non-polymer '4-(2-HYDROXYETHYL)-1-PIPERAZINE ETHANESULFONIC ACID' 'C8 H18 N2 O4 S'
FMT non-polymer 'FORMIC ACID' 'C H2 O2'
FX8 non-polymer (2~{S},4~{R})-~{N}-[[2-[2-[2-[2-[4-[3-azanyl-6-(2-hydroxyphenyl)pyridazin-4-yl]piperazin-1-yl]ethoxy]ethoxy]ethoxy]-4-(4-methyl-1,3-thiazol-5-yl)phenyl]methyl]-1-[(2~{S})-2-[(1-fluoranylcyclopropyl)carbonylamino]-3,3-dimethyl-butanoyl]-4-oxidanyl-pyrrolidine-2-carboxamide 'C46 H60 F N9 O8 S'
#
# COMPACT_ATOMS: atom_id res chain seq x y z
N GLU A 4 20.63 -56.73 33.48
CA GLU A 4 21.45 -56.69 32.29
C GLU A 4 20.79 -55.86 31.16
N LYS A 5 20.13 -54.75 31.54
CA LYS A 5 19.40 -53.86 30.61
C LYS A 5 20.26 -52.71 30.00
N LEU A 6 21.62 -52.86 30.07
CA LEU A 6 22.61 -51.94 29.47
C LEU A 6 22.57 -52.17 27.96
N SER A 7 21.98 -53.34 27.59
CA SER A 7 21.79 -53.89 26.27
C SER A 7 21.33 -52.87 25.21
N PRO A 8 22.07 -52.75 24.09
CA PRO A 8 21.65 -51.83 23.03
C PRO A 8 20.49 -52.43 22.23
N ASN A 9 19.73 -51.58 21.52
CA ASN A 9 18.64 -52.04 20.65
C ASN A 9 19.23 -52.79 19.45
N PRO A 10 18.52 -53.77 18.82
CA PRO A 10 19.10 -54.44 17.65
C PRO A 10 19.46 -53.41 16.56
N PRO A 11 20.62 -53.53 15.84
CA PRO A 11 20.97 -52.52 14.81
C PRO A 11 19.85 -52.13 13.84
N LYS A 12 18.92 -53.08 13.57
CA LYS A 12 17.75 -52.89 12.70
C LYS A 12 16.82 -51.82 13.26
N LEU A 13 16.48 -51.90 14.59
CA LEU A 13 15.62 -50.96 15.30
C LEU A 13 16.19 -49.54 15.31
N THR A 14 17.51 -49.40 15.61
CA THR A 14 18.22 -48.10 15.58
C THR A 14 18.22 -47.52 14.16
N LYS A 15 18.49 -48.37 13.14
CA LYS A 15 18.48 -47.99 11.74
C LYS A 15 17.10 -47.47 11.31
N GLN A 16 16.00 -48.11 11.77
CA GLN A 16 14.61 -47.71 11.48
C GLN A 16 14.26 -46.38 12.15
N MET A 17 14.63 -46.23 13.45
CA MET A 17 14.41 -45.01 14.24
C MET A 17 15.09 -43.81 13.60
N ASN A 18 16.36 -43.97 13.22
CA ASN A 18 17.17 -42.93 12.59
C ASN A 18 16.67 -42.60 11.18
N ALA A 19 16.21 -43.59 10.41
CA ALA A 19 15.68 -43.36 9.06
C ALA A 19 14.41 -42.51 9.13
N ILE A 20 13.52 -42.82 10.10
CA ILE A 20 12.27 -42.11 10.32
C ILE A 20 12.55 -40.65 10.76
N ILE A 21 13.39 -40.45 11.80
CA ILE A 21 13.74 -39.13 12.31
C ILE A 21 14.47 -38.27 11.25
N ASP A 22 15.32 -38.88 10.40
CA ASP A 22 16.02 -38.16 9.34
C ASP A 22 15.04 -37.63 8.32
N THR A 23 14.02 -38.42 7.96
CA THR A 23 12.95 -38.04 7.01
C THR A 23 12.21 -36.82 7.56
N VAL A 24 11.83 -36.87 8.86
CA VAL A 24 11.14 -35.78 9.56
C VAL A 24 12.01 -34.51 9.57
N ILE A 25 13.29 -34.64 9.98
CA ILE A 25 14.23 -33.52 10.07
C ILE A 25 14.58 -32.93 8.69
N ASN A 26 14.79 -33.77 7.67
CA ASN A 26 15.19 -33.31 6.34
C ASN A 26 14.04 -32.80 5.47
N TYR A 27 12.78 -33.04 5.89
CA TYR A 27 11.60 -32.64 5.12
C TYR A 27 11.54 -31.14 4.77
N LYS A 28 11.38 -30.84 3.48
CA LYS A 28 11.23 -29.49 2.98
C LYS A 28 9.86 -29.35 2.33
N ASP A 29 9.15 -28.23 2.57
CA ASP A 29 7.84 -27.99 1.95
C ASP A 29 8.03 -27.65 0.45
N SER A 30 6.94 -27.36 -0.29
CA SER A 30 7.02 -27.04 -1.73
C SER A 30 7.83 -25.76 -2.06
N SER A 31 8.09 -24.90 -1.06
CA SER A 31 8.87 -23.67 -1.21
C SER A 31 10.35 -23.89 -0.81
N GLY A 32 10.71 -25.14 -0.49
CA GLY A 32 12.06 -25.54 -0.11
C GLY A 32 12.46 -25.27 1.33
N ARG A 33 11.49 -24.87 2.18
CA ARG A 33 11.75 -24.56 3.58
C ARG A 33 11.76 -25.84 4.42
N GLN A 34 12.83 -26.04 5.23
CA GLN A 34 12.97 -27.18 6.12
C GLN A 34 12.12 -26.91 7.37
N LEU A 35 10.95 -27.54 7.47
CA LEU A 35 9.98 -27.31 8.54
C LEU A 35 10.48 -27.61 9.96
N SER A 36 11.51 -28.45 10.11
CA SER A 36 12.07 -28.84 11.41
C SER A 36 13.05 -27.85 12.06
N GLU A 37 13.56 -26.83 11.32
CA GLU A 37 14.57 -25.87 11.80
C GLU A 37 14.38 -25.38 13.22
N VAL A 38 13.19 -24.79 13.53
CA VAL A 38 12.85 -24.24 14.84
C VAL A 38 12.76 -25.32 15.92
N PHE A 39 12.41 -26.56 15.53
CA PHE A 39 12.21 -27.69 16.44
C PHE A 39 13.49 -28.50 16.79
N ILE A 40 14.64 -28.15 16.18
CA ILE A 40 15.90 -28.85 16.45
C ILE A 40 16.35 -28.61 17.91
N GLN A 41 16.31 -27.34 18.34
CA GLN A 41 16.72 -26.97 19.68
C GLN A 41 15.71 -26.02 20.31
N LEU A 42 15.23 -26.40 21.50
CA LEU A 42 14.30 -25.61 22.31
C LEU A 42 14.91 -24.24 22.64
N PRO A 43 14.09 -23.17 22.82
CA PRO A 43 14.67 -21.92 23.33
C PRO A 43 15.08 -22.18 24.79
N SER A 44 16.07 -21.49 25.31
CA SER A 44 16.46 -21.71 26.69
C SER A 44 15.40 -21.16 27.65
N ARG A 45 15.50 -21.55 28.94
CA ARG A 45 14.61 -21.07 30.01
C ARG A 45 14.69 -19.56 30.16
N LYS A 46 15.87 -18.95 29.93
CA LYS A 46 16.07 -17.51 30.01
C LYS A 46 15.54 -16.77 28.76
N GLU A 47 15.70 -17.37 27.56
CA GLU A 47 15.21 -16.81 26.28
C GLU A 47 13.68 -16.81 26.25
N LEU A 48 13.04 -17.92 26.67
CA LEU A 48 11.58 -18.04 26.64
C LEU A 48 11.00 -18.73 27.90
N PRO A 49 10.94 -18.03 29.07
CA PRO A 49 10.42 -18.66 30.30
C PRO A 49 8.96 -19.08 30.24
N GLU A 50 8.14 -18.35 29.46
CA GLU A 50 6.71 -18.61 29.26
C GLU A 50 6.47 -20.01 28.68
N TYR A 51 7.46 -20.56 27.95
CA TYR A 51 7.40 -21.89 27.38
C TYR A 51 7.47 -22.95 28.48
N TYR A 52 8.39 -22.76 29.41
CA TYR A 52 8.63 -23.66 30.54
C TYR A 52 7.56 -23.55 31.63
N GLU A 53 6.88 -22.40 31.70
CA GLU A 53 5.78 -22.20 32.64
C GLU A 53 4.54 -22.99 32.16
N LEU A 54 4.37 -23.14 30.83
CA LEU A 54 3.22 -23.83 30.25
C LEU A 54 3.45 -25.32 29.89
N ILE A 55 4.60 -25.62 29.27
CA ILE A 55 4.96 -26.96 28.79
C ILE A 55 5.70 -27.75 29.88
N ARG A 56 5.02 -28.78 30.43
CA ARG A 56 5.53 -29.63 31.50
C ARG A 56 6.65 -30.56 31.07
N LYS A 57 6.58 -31.12 29.84
CA LYS A 57 7.61 -32.04 29.33
C LYS A 57 8.23 -31.50 28.03
N PRO A 58 9.13 -30.48 28.11
CA PRO A 58 9.75 -29.95 26.90
C PRO A 58 10.68 -30.97 26.24
N VAL A 59 10.67 -30.99 24.90
CA VAL A 59 11.46 -31.90 24.07
C VAL A 59 11.69 -31.22 22.71
N ASP A 60 12.85 -31.50 22.10
CA ASP A 60 13.24 -31.03 20.78
C ASP A 60 13.84 -32.22 20.00
N PHE A 61 14.08 -32.07 18.67
CA PHE A 61 14.66 -33.14 17.83
C PHE A 61 16.09 -33.53 18.26
N LYS A 62 16.81 -32.64 18.95
CA LYS A 62 18.16 -32.90 19.49
C LYS A 62 18.03 -33.93 20.63
N LYS A 63 17.06 -33.73 21.56
CA LYS A 63 16.82 -34.66 22.68
C LYS A 63 16.25 -36.02 22.20
N ILE A 64 15.52 -36.02 21.06
CA ILE A 64 14.95 -37.22 20.43
C ILE A 64 16.05 -38.09 19.81
N LYS A 65 16.96 -37.44 19.01
CA LYS A 65 18.13 -38.08 18.38
C LYS A 65 19.07 -38.65 19.44
N GLU A 66 19.16 -37.94 20.58
CA GLU A 66 19.93 -38.30 21.77
C GLU A 66 19.33 -39.55 22.42
N ARG A 67 17.99 -39.64 22.42
CA ARG A 67 17.25 -40.74 23.02
C ARG A 67 17.29 -42.01 22.15
N ILE A 68 17.53 -41.86 20.81
CA ILE A 68 17.69 -42.98 19.88
C ILE A 68 19.10 -43.57 20.13
N ARG A 69 20.16 -42.69 20.16
CA ARG A 69 21.56 -43.07 20.40
C ARG A 69 21.75 -43.80 21.72
N ASN A 70 21.20 -43.23 22.82
CA ASN A 70 21.39 -43.79 24.14
C ASN A 70 20.31 -44.85 24.53
N HIS A 71 19.62 -45.42 23.48
CA HIS A 71 18.65 -46.52 23.53
C HIS A 71 17.49 -46.31 24.55
N LYS A 72 17.05 -45.05 24.76
CA LYS A 72 15.94 -44.77 25.68
C LYS A 72 14.62 -45.28 25.11
N TYR A 73 14.46 -45.23 23.77
CA TYR A 73 13.27 -45.76 23.08
C TYR A 73 13.50 -47.23 22.79
N ARG A 74 12.59 -48.11 23.24
CA ARG A 74 12.74 -49.55 23.03
C ARG A 74 11.80 -50.08 21.93
N SER A 75 11.08 -49.17 21.26
CA SER A 75 10.15 -49.45 20.16
C SER A 75 9.91 -48.17 19.35
N LEU A 76 9.39 -48.33 18.13
CA LEU A 76 9.05 -47.21 17.26
C LEU A 76 7.89 -46.41 17.87
N GLY A 77 7.07 -47.08 18.70
CA GLY A 77 5.95 -46.48 19.40
C GLY A 77 6.40 -45.48 20.45
N ASP A 78 7.57 -45.74 21.08
CA ASP A 78 8.19 -44.86 22.08
C ASP A 78 8.72 -43.62 21.37
N LEU A 79 9.32 -43.82 20.17
CA LEU A 79 9.84 -42.75 19.33
C LEU A 79 8.64 -41.86 18.91
N GLU A 80 7.55 -42.47 18.41
CA GLU A 80 6.32 -41.79 18.01
C GLU A 80 5.75 -40.93 19.15
N LYS A 81 5.62 -41.51 20.37
CA LYS A 81 5.10 -40.81 21.54
C LYS A 81 5.82 -39.46 21.78
N ASP A 82 7.16 -39.46 21.69
CA ASP A 82 7.96 -38.27 21.88
C ASP A 82 7.87 -37.26 20.74
N VAL A 83 7.79 -37.72 19.48
CA VAL A 83 7.65 -36.83 18.30
C VAL A 83 6.27 -36.15 18.41
N MET A 84 5.24 -36.91 18.78
CA MET A 84 3.89 -36.37 18.96
C MET A 84 3.84 -35.40 20.13
N LEU A 85 4.62 -35.68 21.19
CA LEU A 85 4.73 -34.80 22.36
C LEU A 85 5.35 -33.46 21.95
N LEU A 86 6.44 -33.51 21.15
CA LEU A 86 7.13 -32.33 20.60
C LEU A 86 6.12 -31.44 19.85
N CYS A 87 5.40 -32.05 18.91
CA CYS A 87 4.39 -31.41 18.06
C CYS A 87 3.22 -30.86 18.86
N HIS A 88 2.67 -31.63 19.82
CA HIS A 88 1.58 -31.15 20.67
C HIS A 88 2.00 -30.01 21.59
N ASN A 89 3.28 -30.00 22.06
CA ASN A 89 3.85 -28.93 22.89
C ASN A 89 3.89 -27.63 22.10
N ALA A 90 4.36 -27.72 20.84
CA ALA A 90 4.48 -26.61 19.90
C ALA A 90 3.09 -26.01 19.61
N GLN A 91 2.09 -26.87 19.47
CA GLN A 91 0.70 -26.49 19.19
C GLN A 91 0.05 -25.82 20.38
N THR A 92 0.27 -26.37 21.58
CA THR A 92 -0.27 -25.87 22.85
C THR A 92 0.30 -24.49 23.16
N PHE A 93 1.61 -24.32 22.99
CA PHE A 93 2.23 -23.04 23.27
C PHE A 93 1.84 -21.95 22.28
N ASN A 94 1.97 -22.22 20.98
CA ASN A 94 1.82 -21.23 19.93
C ASN A 94 0.40 -21.03 19.45
N LEU A 95 -0.48 -22.06 19.57
CA LEU A 95 -1.90 -22.01 19.22
C LEU A 95 -2.16 -21.98 17.73
N GLU A 96 -3.39 -22.33 17.33
CA GLU A 96 -3.89 -22.37 15.96
C GLU A 96 -3.64 -21.02 15.31
N GLY A 97 -3.20 -21.04 14.05
CA GLY A 97 -2.94 -19.81 13.31
C GLY A 97 -1.47 -19.48 13.16
N SER A 98 -0.65 -19.90 14.11
CA SER A 98 0.80 -19.64 14.03
C SER A 98 1.47 -20.60 13.02
N GLN A 99 2.59 -20.17 12.42
CA GLN A 99 3.34 -20.99 11.46
C GLN A 99 3.93 -22.23 12.14
N ILE A 100 4.40 -22.10 13.39
CA ILE A 100 4.96 -23.21 14.18
C ILE A 100 3.90 -24.30 14.35
N TYR A 101 2.64 -23.91 14.69
CA TYR A 101 1.50 -24.81 14.88
C TYR A 101 1.33 -25.62 13.60
N GLU A 102 1.23 -24.91 12.44
CA GLU A 102 1.04 -25.46 11.09
C GLU A 102 2.18 -26.39 10.66
N ASP A 103 3.44 -25.97 10.92
CA ASP A 103 4.63 -26.77 10.62
C ASP A 103 4.63 -28.08 11.41
N SER A 104 4.26 -28.02 12.71
CA SER A 104 4.25 -29.21 13.58
C SER A 104 3.17 -30.23 13.15
N ILE A 105 2.05 -29.76 12.55
CA ILE A 105 0.96 -30.60 12.01
C ILE A 105 1.53 -31.41 10.85
N VAL A 106 2.24 -30.74 9.91
CA VAL A 106 2.88 -31.37 8.75
C VAL A 106 3.91 -32.40 9.22
N LEU A 107 4.76 -32.04 10.19
CA LEU A 107 5.77 -32.94 10.73
C LEU A 107 5.17 -34.23 11.35
N GLN A 108 4.00 -34.14 11.98
CA GLN A 108 3.28 -35.30 12.52
C GLN A 108 2.92 -36.24 11.36
N SER A 109 2.43 -35.64 10.24
CA SER A 109 2.01 -36.35 9.03
C SER A 109 3.23 -37.02 8.33
N VAL A 110 4.37 -36.30 8.23
CA VAL A 110 5.64 -36.81 7.68
C VAL A 110 6.13 -37.97 8.56
N PHE A 111 6.02 -37.86 9.89
CA PHE A 111 6.42 -38.95 10.80
C PHE A 111 5.59 -40.22 10.54
N LYS A 112 4.26 -40.07 10.49
CA LYS A 112 3.36 -41.21 10.24
C LYS A 112 3.62 -41.90 8.89
N SER A 113 3.93 -41.12 7.80
CA SER A 113 4.26 -41.69 6.48
C SER A 113 5.55 -42.50 6.51
N ALA A 114 6.61 -41.95 7.16
CA ALA A 114 7.92 -42.60 7.34
C ALA A 114 7.78 -43.88 8.18
N ARG A 115 7.02 -43.81 9.30
CA ARG A 115 6.73 -44.95 10.17
C ARG A 115 6.02 -46.06 9.37
N GLN A 116 5.06 -45.67 8.51
CA GLN A 116 4.28 -46.56 7.66
C GLN A 116 5.13 -47.19 6.53
N LYS A 117 6.18 -46.48 6.06
CA LYS A 117 7.08 -46.94 5.00
C LYS A 117 7.94 -48.09 5.55
N ILE A 118 8.38 -47.96 6.82
CA ILE A 118 9.16 -48.95 7.56
C ILE A 118 8.27 -50.21 7.81
N ALA A 119 6.97 -49.99 8.15
CA ALA A 119 6.00 -51.08 8.38
C ALA A 119 5.81 -51.90 7.09
N LYS A 120 5.63 -51.20 5.95
CA LYS A 120 5.44 -51.78 4.61
C LYS A 120 6.70 -52.45 4.04
N GLU A 121 7.87 -52.25 4.70
CA GLU A 121 9.15 -52.83 4.27
C GLU A 121 9.50 -54.11 5.05
N GLU A 122 8.93 -54.28 6.27
CA GLU A 122 9.09 -55.50 7.07
C GLU A 122 8.02 -56.51 6.61
N GLU A 123 6.75 -56.04 6.42
CA GLU A 123 5.60 -56.83 5.98
C GLU A 123 4.57 -55.93 5.30
N PRO B 8 7.13 -8.64 32.59
CA PRO B 8 6.02 -7.66 32.54
C PRO B 8 6.25 -6.46 33.46
N ARG B 9 7.05 -5.46 33.00
CA ARG B 9 7.35 -4.28 33.82
C ARG B 9 7.12 -2.91 33.11
N PRO B 10 7.78 -2.52 31.97
CA PRO B 10 7.55 -1.17 31.43
C PRO B 10 6.17 -0.90 30.84
N VAL B 11 5.87 0.39 30.65
CA VAL B 11 4.61 0.88 30.06
C VAL B 11 4.52 0.32 28.62
N LEU B 12 5.61 0.49 27.82
CA LEU B 12 5.67 0.01 26.44
C LEU B 12 6.18 -1.43 26.34
N ARG B 13 5.24 -2.39 26.25
CA ARG B 13 5.53 -3.82 26.16
C ARG B 13 4.34 -4.58 25.57
N SER B 14 4.61 -5.80 25.09
CA SER B 14 3.55 -6.68 24.61
C SER B 14 2.89 -7.34 25.81
N VAL B 15 1.63 -7.67 25.69
CA VAL B 15 0.92 -8.39 26.72
C VAL B 15 0.91 -9.86 26.32
N ASN B 16 1.17 -10.79 27.27
CA ASN B 16 1.15 -12.23 26.99
C ASN B 16 -0.33 -12.68 26.96
N SER B 17 -1.05 -12.23 25.93
CA SER B 17 -2.48 -12.44 25.74
C SER B 17 -2.85 -13.86 25.38
N ARG B 18 -2.01 -14.49 24.55
CA ARG B 18 -2.19 -15.83 24.00
C ARG B 18 -3.49 -15.85 23.16
N GLU B 19 -3.75 -14.74 22.46
CA GLU B 19 -4.93 -14.60 21.59
C GLU B 19 -4.39 -14.35 20.18
N PRO B 20 -4.40 -15.39 19.30
CA PRO B 20 -3.84 -15.21 17.95
C PRO B 20 -4.43 -14.04 17.15
N SER B 21 -3.59 -13.38 16.34
CA SER B 21 -4.00 -12.25 15.50
C SER B 21 -3.14 -12.28 14.24
N GLN B 22 -3.79 -12.45 13.10
CA GLN B 22 -3.15 -12.46 11.79
C GLN B 22 -3.01 -11.02 11.30
N VAL B 23 -1.80 -10.65 10.90
CA VAL B 23 -1.45 -9.31 10.48
C VAL B 23 -0.77 -9.36 9.12
N ILE B 24 -0.93 -8.31 8.31
CA ILE B 24 -0.24 -8.21 7.03
C ILE B 24 0.75 -7.03 7.17
N PHE B 25 2.05 -7.33 7.09
CA PHE B 25 3.09 -6.30 7.13
C PHE B 25 3.34 -5.90 5.70
N CYS B 26 3.09 -4.63 5.36
CA CYS B 26 3.30 -4.21 3.98
C CYS B 26 4.27 -3.06 3.92
N ASN B 27 5.43 -3.28 3.27
CA ASN B 27 6.45 -2.25 3.18
C ASN B 27 6.22 -1.29 2.00
N ARG B 28 5.60 -0.16 2.27
CA ARG B 28 5.34 0.86 1.23
C ARG B 28 6.34 2.04 1.37
N SER B 29 7.60 1.70 1.63
CA SER B 29 8.68 2.65 1.77
C SER B 29 9.82 2.21 0.83
N PRO B 30 10.77 3.12 0.46
CA PRO B 30 11.88 2.70 -0.39
C PRO B 30 13.03 2.06 0.42
N ARG B 31 12.80 1.82 1.70
CA ARG B 31 13.79 1.26 2.61
C ARG B 31 13.56 -0.21 2.85
N VAL B 32 14.65 -0.91 3.23
CA VAL B 32 14.61 -2.29 3.72
C VAL B 32 14.10 -2.10 5.15
N VAL B 33 12.98 -2.76 5.48
CA VAL B 33 12.34 -2.58 6.78
C VAL B 33 12.69 -3.69 7.75
N LEU B 34 13.02 -3.27 8.97
CA LEU B 34 13.23 -4.12 10.10
C LEU B 34 11.99 -4.03 11.01
N PRO B 35 11.13 -5.08 11.05
CA PRO B 35 10.05 -5.10 12.03
C PRO B 35 10.66 -5.37 13.41
N VAL B 36 10.23 -4.63 14.42
CA VAL B 36 10.75 -4.77 15.78
C VAL B 36 9.61 -5.08 16.74
N TRP B 37 9.68 -6.23 17.42
CA TRP B 37 8.68 -6.64 18.41
C TRP B 37 9.17 -6.33 19.81
N LEU B 38 8.31 -5.72 20.64
CA LEU B 38 8.66 -5.45 22.02
C LEU B 38 8.20 -6.66 22.81
N ASN B 39 9.11 -7.34 23.51
CA ASN B 39 8.70 -8.54 24.24
C ASN B 39 7.87 -8.20 25.50
N PHE B 40 7.58 -9.22 26.32
CA PHE B 40 6.77 -9.08 27.53
C PHE B 40 7.43 -8.20 28.59
N ASP B 41 8.75 -7.95 28.45
CA ASP B 41 9.54 -7.07 29.31
C ASP B 41 9.86 -5.73 28.64
N GLY B 42 9.28 -5.49 27.46
CA GLY B 42 9.50 -4.27 26.69
C GLY B 42 10.83 -4.19 25.96
N GLU B 43 11.54 -5.31 25.85
CA GLU B 43 12.85 -5.39 25.17
C GLU B 43 12.65 -5.57 23.66
N PRO B 44 13.34 -4.76 22.82
CA PRO B 44 13.14 -4.88 21.37
C PRO B 44 13.75 -6.15 20.74
N GLN B 45 12.98 -6.83 19.87
CA GLN B 45 13.40 -8.07 19.21
C GLN B 45 13.37 -7.87 17.70
N PRO B 46 14.49 -8.11 16.98
CA PRO B 46 14.46 -7.96 15.53
C PRO B 46 13.75 -9.12 14.81
N TYR B 47 12.94 -8.80 13.80
CA TYR B 47 12.27 -9.83 13.02
C TYR B 47 12.82 -9.83 11.60
N PRO B 48 12.56 -10.87 10.74
CA PRO B 48 13.12 -10.84 9.37
C PRO B 48 12.75 -9.57 8.62
N THR B 49 13.69 -9.04 7.84
CA THR B 49 13.50 -7.79 7.11
C THR B 49 12.59 -7.94 5.89
N LEU B 50 11.99 -6.81 5.49
CA LEU B 50 11.08 -6.70 4.35
C LEU B 50 11.71 -5.80 3.28
N PRO B 51 11.99 -6.32 2.07
CA PRO B 51 12.50 -5.46 1.00
C PRO B 51 11.48 -4.38 0.59
N PRO B 52 11.89 -3.23 -0.01
CA PRO B 52 10.89 -2.24 -0.47
C PRO B 52 9.78 -2.84 -1.35
N GLY B 53 8.53 -2.47 -1.09
CA GLY B 53 7.37 -2.93 -1.86
C GLY B 53 6.83 -4.32 -1.49
N THR B 54 7.45 -5.03 -0.54
CA THR B 54 7.03 -6.38 -0.15
C THR B 54 6.05 -6.39 0.99
N GLY B 55 5.12 -7.36 0.93
CA GLY B 55 4.15 -7.61 1.98
C GLY B 55 4.17 -9.06 2.41
N ARG B 56 3.92 -9.33 3.68
CA ARG B 56 3.89 -10.69 4.21
C ARG B 56 2.79 -10.82 5.25
N ARG B 57 2.03 -11.91 5.16
CA ARG B 57 0.99 -12.23 6.12
C ARG B 57 1.73 -12.95 7.24
N ILE B 58 1.71 -12.35 8.43
CA ILE B 58 2.45 -12.90 9.58
C ILE B 58 1.48 -13.17 10.72
N HIS B 59 1.94 -14.01 11.66
CA HIS B 59 1.16 -14.38 12.84
CA HIS B 59 1.11 -14.35 12.78
C HIS B 59 1.65 -13.62 14.05
N SER B 60 0.75 -12.94 14.74
CA SER B 60 1.06 -12.19 15.94
C SER B 60 -0.06 -12.49 16.93
N TYR B 61 -0.18 -11.67 17.98
CA TYR B 61 -1.20 -11.91 18.99
C TYR B 61 -1.75 -10.58 19.43
N ARG B 62 -2.95 -10.59 20.00
CA ARG B 62 -3.60 -9.39 20.52
C ARG B 62 -2.71 -8.74 21.61
N GLY B 63 -2.57 -7.42 21.57
CA GLY B 63 -1.80 -6.69 22.58
C GLY B 63 -0.30 -6.77 22.40
N HIS B 64 0.15 -7.21 21.21
CA HIS B 64 1.58 -7.32 20.89
C HIS B 64 1.96 -6.06 20.20
N LEU B 65 3.05 -5.49 20.65
CA LEU B 65 3.54 -4.18 20.25
C LEU B 65 4.72 -4.23 19.26
N TRP B 66 4.56 -3.51 18.14
CA TRP B 66 5.54 -3.41 17.07
C TRP B 66 5.90 -1.99 16.73
N LEU B 67 7.12 -1.85 16.22
CA LEU B 67 7.66 -0.63 15.62
C LEU B 67 8.51 -1.06 14.41
N PHE B 68 8.77 -0.15 13.49
CA PHE B 68 9.45 -0.47 12.24
C PHE B 68 10.52 0.56 11.97
N ARG B 69 11.70 0.08 11.54
CA ARG B 69 12.87 0.90 11.30
C ARG B 69 13.50 0.56 9.99
N ASP B 70 14.37 1.45 9.50
CA ASP B 70 15.19 1.15 8.35
C ASP B 70 16.18 0.09 8.92
N ALA B 71 16.28 -1.08 8.26
CA ALA B 71 17.15 -2.17 8.72
C ALA B 71 18.65 -1.80 8.77
N GLY B 72 19.09 -0.95 7.85
CA GLY B 72 20.49 -0.53 7.77
C GLY B 72 20.91 0.59 8.69
N THR B 73 20.04 1.60 8.86
CA THR B 73 20.38 2.82 9.63
C THR B 73 19.61 3.01 10.92
N HIS B 74 18.53 2.24 11.12
CA HIS B 74 17.64 2.32 12.27
C HIS B 74 16.82 3.63 12.33
N ASP B 75 16.69 4.33 11.16
CA ASP B 75 15.83 5.50 11.00
C ASP B 75 14.39 5.01 11.27
N GLY B 76 13.64 5.81 12.01
CA GLY B 76 12.26 5.49 12.36
C GLY B 76 11.35 5.57 11.17
N LEU B 77 10.40 4.62 11.09
CA LEU B 77 9.39 4.57 10.04
C LEU B 77 7.99 4.64 10.62
N LEU B 78 6.98 4.90 9.79
CA LEU B 78 5.61 4.95 10.27
C LEU B 78 4.88 3.66 9.91
N VAL B 79 3.89 3.31 10.71
CA VAL B 79 2.99 2.16 10.51
C VAL B 79 1.58 2.68 10.72
N ASN B 80 0.80 2.71 9.64
CA ASN B 80 -0.57 3.25 9.65
C ASN B 80 -0.59 4.68 10.16
N GLN B 81 0.43 5.46 9.75
CA GLN B 81 0.62 6.89 10.03
C GLN B 81 1.06 7.19 11.46
N THR B 82 1.49 6.19 12.21
CA THR B 82 1.94 6.40 13.59
C THR B 82 3.22 5.58 13.85
N GLU B 83 3.79 5.70 15.05
CA GLU B 83 5.05 5.08 15.44
C GLU B 83 4.93 3.66 15.91
N LEU B 84 3.84 3.34 16.59
CA LEU B 84 3.62 2.01 17.13
C LEU B 84 2.44 1.29 16.51
N PHE B 85 2.54 -0.04 16.46
CA PHE B 85 1.49 -0.88 15.95
C PHE B 85 1.13 -1.96 16.95
N VAL B 86 -0.14 -2.02 17.31
N VAL B 86 -0.18 -2.06 17.24
CA VAL B 86 -0.75 -3.06 18.14
CA VAL B 86 -0.76 -3.04 18.16
C VAL B 86 -1.97 -3.43 17.29
C VAL B 86 -1.95 -3.73 17.46
N PRO B 87 -2.14 -4.71 16.88
N PRO B 87 -1.88 -5.02 17.10
CA PRO B 87 -3.31 -5.06 16.07
CA PRO B 87 -3.08 -5.67 16.55
C PRO B 87 -4.64 -4.74 16.75
C PRO B 87 -4.05 -6.11 17.66
N SER B 88 -5.61 -4.22 15.97
N SER B 88 -5.33 -5.91 17.43
CA SER B 88 -6.96 -3.93 16.43
CA SER B 88 -6.36 -6.38 18.37
C SER B 88 -7.74 -5.27 16.59
C SER B 88 -6.80 -7.74 17.82
N LEU B 89 -9.07 -5.26 16.88
N LEU B 89 -8.01 -8.18 18.15
CA LEU B 89 -9.80 -6.53 17.02
CA LEU B 89 -8.47 -9.47 17.63
C LEU B 89 -9.90 -7.30 15.72
C LEU B 89 -9.04 -9.29 16.22
N ASN B 90 -9.43 -8.57 15.71
N ASN B 90 -8.87 -10.31 15.36
CA ASN B 90 -9.49 -9.46 14.56
CA ASN B 90 -9.44 -10.32 14.00
C ASN B 90 -10.95 -9.95 14.47
C ASN B 90 -10.99 -10.40 14.08
N VAL B 91 -11.75 -9.25 13.66
N VAL B 91 -11.68 -9.50 13.40
CA VAL B 91 -13.19 -9.50 13.47
CA VAL B 91 -13.16 -9.47 13.36
C VAL B 91 -13.41 -10.51 12.33
C VAL B 91 -13.56 -10.44 12.24
N ASP B 92 -14.18 -11.59 12.61
CA ASP B 92 -14.60 -12.65 11.67
C ASP B 92 -13.46 -13.16 10.73
N GLY B 93 -12.32 -13.48 11.32
CA GLY B 93 -11.13 -13.97 10.61
C GLY B 93 -10.29 -13.00 9.81
N GLN B 94 -10.84 -11.81 9.44
CA GLN B 94 -10.19 -10.74 8.67
C GLN B 94 -8.76 -10.37 9.19
N PRO B 95 -7.68 -10.43 8.36
CA PRO B 95 -6.36 -9.99 8.86
C PRO B 95 -6.32 -8.49 9.13
N ILE B 96 -5.39 -8.07 9.99
CA ILE B 96 -5.20 -6.65 10.32
C ILE B 96 -4.05 -6.11 9.50
N PHE B 97 -4.28 -5.03 8.79
CA PHE B 97 -3.25 -4.47 7.91
C PHE B 97 -2.34 -3.46 8.61
N ALA B 98 -1.01 -3.62 8.41
CA ALA B 98 0.04 -2.74 8.94
C ALA B 98 0.82 -2.16 7.75
N ASN B 99 0.46 -0.94 7.35
CA ASN B 99 1.05 -0.21 6.23
C ASN B 99 2.24 0.63 6.67
N ILE B 100 3.43 0.20 6.28
CA ILE B 100 4.72 0.79 6.66
C ILE B 100 5.16 1.77 5.62
N THR B 101 5.44 3.00 6.04
CA THR B 101 5.81 4.06 5.11
C THR B 101 6.89 4.90 5.74
N LEU B 102 7.47 5.79 4.93
CA LEU B 102 8.43 6.76 5.42
C LEU B 102 7.65 7.81 6.19
N PRO B 103 8.21 8.40 7.25
CA PRO B 103 7.60 9.62 7.79
C PRO B 103 8.00 10.79 6.87
N VAL B 104 7.48 11.98 7.13
CA VAL B 104 8.00 13.15 6.45
C VAL B 104 9.07 13.64 7.46
N TYR B 105 10.33 13.27 7.23
CA TYR B 105 11.43 13.68 8.11
C TYR B 105 11.61 15.18 7.96
N THR B 106 12.19 15.83 8.98
CA THR B 106 12.52 17.26 8.88
C THR B 106 13.67 17.31 7.86
N LEU B 107 13.90 18.48 7.26
CA LEU B 107 14.99 18.65 6.32
C LEU B 107 16.31 18.38 7.03
N LYS B 108 16.44 18.86 8.29
CA LYS B 108 17.63 18.60 9.11
C LYS B 108 17.89 17.10 9.29
N GLU B 109 16.86 16.33 9.70
CA GLU B 109 17.02 14.89 9.89
C GLU B 109 17.38 14.16 8.59
N ARG B 110 16.73 14.54 7.50
CA ARG B 110 16.99 13.95 6.19
C ARG B 110 18.43 14.21 5.73
N CYS B 111 18.96 15.44 5.96
CA CYS B 111 20.35 15.84 5.65
C CYS B 111 21.32 15.05 6.49
N LEU B 112 21.04 14.90 7.81
CA LEU B 112 21.88 14.09 8.72
C LEU B 112 21.96 12.63 8.20
N GLN B 113 20.82 12.05 7.77
CA GLN B 113 20.72 10.70 7.21
C GLN B 113 21.64 10.56 5.99
N VAL B 114 21.54 11.50 5.04
CA VAL B 114 22.36 11.48 3.83
C VAL B 114 23.87 11.62 4.17
N VAL B 115 24.24 12.59 5.04
CA VAL B 115 25.64 12.77 5.45
C VAL B 115 26.16 11.48 6.14
N ARG B 116 25.38 10.90 7.07
CA ARG B 116 25.76 9.66 7.75
C ARG B 116 25.95 8.50 6.75
N SER B 117 25.21 8.50 5.63
CA SER B 117 25.31 7.44 4.63
C SER B 117 26.56 7.57 3.75
N LEU B 118 27.19 8.77 3.73
CA LEU B 118 28.35 9.09 2.90
C LEU B 118 29.64 9.21 3.68
N VAL B 119 29.55 9.57 4.98
CA VAL B 119 30.71 9.81 5.82
C VAL B 119 30.82 8.76 6.92
N LYS B 120 32.01 8.16 7.04
CA LYS B 120 32.33 7.19 8.08
C LYS B 120 32.34 7.97 9.42
N PRO B 121 31.78 7.42 10.53
CA PRO B 121 31.74 8.16 11.81
C PRO B 121 33.05 8.77 12.31
N GLU B 122 34.21 8.17 11.96
CA GLU B 122 35.54 8.69 12.33
C GLU B 122 35.88 9.97 11.55
N ASN B 123 35.16 10.24 10.45
CA ASN B 123 35.40 11.40 9.59
C ASN B 123 34.40 12.54 9.79
N TYR B 124 33.39 12.36 10.65
CA TYR B 124 32.36 13.40 10.92
C TYR B 124 32.99 14.76 11.22
N ARG B 125 33.98 14.78 12.12
CA ARG B 125 34.64 15.99 12.61
C ARG B 125 35.65 16.58 11.61
N ARG B 126 35.82 15.97 10.42
CA ARG B 126 36.64 16.49 9.32
C ARG B 126 35.77 17.38 8.43
N LEU B 127 34.42 17.27 8.56
CA LEU B 127 33.47 18.06 7.76
C LEU B 127 33.48 19.54 8.14
N ASP B 128 33.48 20.44 7.13
CA ASP B 128 33.52 21.89 7.35
C ASP B 128 32.10 22.42 7.60
N ILE B 129 31.61 22.15 8.82
CA ILE B 129 30.27 22.51 9.31
C ILE B 129 30.37 22.98 10.76
N VAL B 130 29.32 23.69 11.26
CA VAL B 130 29.26 24.19 12.64
C VAL B 130 29.44 22.99 13.59
N ARG B 131 30.25 23.18 14.67
CA ARG B 131 30.59 22.16 15.67
C ARG B 131 29.38 21.46 16.30
N SER B 132 28.28 22.20 16.57
CA SER B 132 27.04 21.63 17.13
C SER B 132 26.49 20.48 16.26
N LEU B 133 26.76 20.51 14.95
CA LEU B 133 26.30 19.53 13.93
C LEU B 133 27.06 18.19 13.98
N TYR B 134 28.25 18.16 14.60
CA TYR B 134 29.03 16.93 14.81
C TYR B 134 28.32 16.03 15.81
N GLU B 135 27.74 16.60 16.88
CA GLU B 135 27.00 15.83 17.89
C GLU B 135 25.69 15.34 17.31
N ASP B 136 25.06 16.14 16.40
CA ASP B 136 23.81 15.77 15.70
C ASP B 136 24.03 14.54 14.83
N LEU B 137 25.14 14.52 14.06
CA LEU B 137 25.53 13.40 13.22
C LEU B 137 25.79 12.15 14.05
N GLU B 138 26.44 12.32 15.20
CA GLU B 138 26.78 11.26 16.17
C GLU B 138 25.57 10.73 16.96
N ASP B 139 24.48 11.53 17.04
CA ASP B 139 23.25 11.15 17.73
C ASP B 139 22.39 10.29 16.79
N HIS B 140 22.89 9.07 16.50
CA HIS B 140 22.26 8.13 15.57
C HIS B 140 20.86 7.70 16.02
N PRO B 141 19.94 7.38 15.07
CA PRO B 141 18.62 6.92 15.47
C PRO B 141 18.76 5.63 16.29
N ASN B 142 17.96 5.48 17.34
CA ASN B 142 18.05 4.31 18.21
C ASN B 142 16.66 4.00 18.75
N VAL B 143 16.25 2.71 18.77
CA VAL B 143 14.87 2.40 19.19
C VAL B 143 14.71 2.67 20.70
N GLN B 144 15.79 2.58 21.49
CA GLN B 144 15.78 2.83 22.94
C GLN B 144 15.41 4.26 23.32
N LYS B 145 15.94 5.26 22.62
CA LYS B 145 15.67 6.67 22.84
C LYS B 145 14.23 6.99 22.43
N ASP B 146 13.76 6.33 21.35
CA ASP B 146 12.40 6.44 20.87
C ASP B 146 11.41 5.81 21.82
N LEU B 147 11.78 4.68 22.46
CA LEU B 147 10.92 4.04 23.46
C LEU B 147 10.80 4.94 24.68
N GLU B 148 11.91 5.60 25.07
CA GLU B 148 11.95 6.56 26.16
C GLU B 148 11.05 7.76 25.86
N ARG B 149 11.18 8.36 24.65
CA ARG B 149 10.36 9.51 24.25
C ARG B 149 8.86 9.11 24.25
N LEU B 150 8.52 7.98 23.61
CA LEU B 150 7.15 7.47 23.57
C LEU B 150 6.62 7.11 24.98
N THR B 151 7.49 6.61 25.89
CA THR B 151 7.14 6.28 27.29
C THR B 151 6.83 7.57 28.05
N GLN B 152 7.75 8.57 27.95
CA GLN B 152 7.62 9.87 28.60
C GLN B 152 6.42 10.66 28.07
N GLU B 153 6.03 10.44 26.80
CA GLU B 153 4.84 11.06 26.19
C GLU B 153 3.60 10.48 26.85
N ARG B 154 3.51 9.13 26.96
CA ARG B 154 2.38 8.42 27.59
C ARG B 154 2.26 8.74 29.09
N ILE B 155 3.39 8.69 29.84
CA ILE B 155 3.47 9.00 31.28
C ILE B 155 3.00 10.43 31.57
N ALA B 156 3.48 11.43 30.77
CA ALA B 156 3.08 12.83 30.91
C ALA B 156 1.59 13.03 30.55
N HIS B 157 1.09 12.25 29.56
CA HIS B 157 -0.28 12.27 29.09
C HIS B 157 -1.27 11.71 30.13
N GLN B 158 -0.80 10.76 30.98
CA GLN B 158 -1.56 10.15 32.08
C GLN B 158 -1.83 11.17 33.22
N ARG B 159 -1.10 12.33 33.18
CA ARG B 159 -1.14 13.52 34.07
C ARG B 159 -1.26 13.17 35.55
N MET C 1 -3.44 32.33 -3.48
CA MET C 1 -2.87 32.28 -2.13
C MET C 1 -1.97 33.49 -1.88
N MET C 2 -1.51 33.64 -0.63
CA MET C 2 -0.52 34.63 -0.25
C MET C 2 0.84 34.01 -0.57
N TYR C 3 1.72 34.79 -1.15
CA TYR C 3 3.07 34.38 -1.50
C TYR C 3 4.07 35.25 -0.75
N VAL C 4 5.26 34.72 -0.50
CA VAL C 4 6.38 35.44 0.07
C VAL C 4 7.54 35.33 -0.93
N LYS C 5 8.54 36.17 -0.76
CA LYS C 5 9.75 36.17 -1.58
C LYS C 5 10.91 35.86 -0.66
N LEU C 6 11.72 34.88 -1.06
CA LEU C 6 12.95 34.49 -0.34
C LEU C 6 14.14 34.78 -1.27
N ILE C 7 15.12 35.54 -0.76
CA ILE C 7 16.24 36.00 -1.58
C ILE C 7 17.57 35.37 -1.09
N SER C 8 18.25 34.68 -2.03
CA SER C 8 19.51 34.00 -1.79
C SER C 8 20.64 35.04 -1.72
N SER C 9 21.82 34.63 -1.21
CA SER C 9 23.01 35.50 -1.08
C SER C 9 23.46 36.07 -2.42
N ASP C 10 23.29 35.29 -3.50
CA ASP C 10 23.65 35.67 -4.87
C ASP C 10 22.50 36.39 -5.62
N GLY C 11 21.46 36.81 -4.90
CA GLY C 11 20.37 37.59 -5.48
C GLY C 11 19.25 36.88 -6.22
N HIS C 12 19.18 35.55 -6.12
CA HIS C 12 18.04 34.86 -6.77
C HIS C 12 16.81 35.03 -5.89
N GLU C 13 15.68 35.32 -6.51
CA GLU C 13 14.41 35.52 -5.81
C GLU C 13 13.50 34.31 -6.04
N PHE C 14 13.05 33.72 -4.94
CA PHE C 14 12.18 32.55 -4.95
C PHE C 14 10.81 32.99 -4.41
N ILE C 15 9.77 32.80 -5.21
CA ILE C 15 8.39 33.14 -4.85
C ILE C 15 7.68 31.84 -4.54
N VAL C 16 7.29 31.71 -3.27
CA VAL C 16 6.66 30.51 -2.70
C VAL C 16 5.46 30.93 -1.88
N LYS C 17 4.49 30.01 -1.75
CA LYS C 17 3.30 30.26 -0.92
C LYS C 17 3.75 30.50 0.50
N ARG C 18 3.14 31.50 1.14
CA ARG C 18 3.41 31.86 2.54
C ARG C 18 3.34 30.62 3.47
N GLU C 19 2.28 29.78 3.32
CA GLU C 19 2.03 28.55 4.06
C GLU C 19 3.20 27.55 3.91
N HIS C 20 3.82 27.49 2.71
CA HIS C 20 4.95 26.60 2.43
C HIS C 20 6.22 27.10 3.15
N ALA C 21 6.50 28.43 3.10
CA ALA C 21 7.65 29.05 3.79
C ALA C 21 7.56 28.90 5.34
N LEU C 22 6.32 28.88 5.87
CA LEU C 22 6.07 28.77 7.31
C LEU C 22 6.51 27.43 7.91
N THR C 23 6.95 26.46 7.07
CA THR C 23 7.52 25.15 7.41
C THR C 23 8.81 25.40 8.19
N SER C 24 9.53 26.49 7.85
CA SER C 24 10.76 26.90 8.52
C SER C 24 10.41 27.74 9.75
N GLY C 25 10.90 27.32 10.91
CA GLY C 25 10.71 28.02 12.18
C GLY C 25 11.34 29.41 12.16
N THR C 26 12.51 29.53 11.53
CA THR C 26 13.25 30.77 11.36
C THR C 26 12.45 31.75 10.48
N ILE C 27 11.95 31.30 9.31
CA ILE C 27 11.11 32.11 8.41
C ILE C 27 9.82 32.54 9.12
N LYS C 28 9.13 31.59 9.80
CA LYS C 28 7.90 31.82 10.57
C LYS C 28 8.09 32.98 11.53
N ALA C 29 9.23 32.98 12.27
CA ALA C 29 9.61 34.02 13.23
C ALA C 29 9.87 35.37 12.55
N MET C 30 10.51 35.34 11.37
CA MET C 30 10.84 36.53 10.58
C MET C 30 9.60 37.18 9.93
N LEU C 31 8.64 36.38 9.48
CA LEU C 31 7.41 36.87 8.84
C LEU C 31 6.37 37.38 9.84
N SER C 32 6.30 36.75 11.03
CA SER C 32 5.37 37.11 12.09
C SER C 32 5.68 38.50 12.61
N GLY C 33 6.98 38.85 12.60
CA GLY C 33 7.52 40.13 13.04
C GLY C 33 6.92 41.30 12.28
N PRO C 34 6.91 42.53 12.88
CA PRO C 34 6.32 43.68 12.17
C PRO C 34 6.96 44.01 10.82
N GLY C 35 6.14 44.49 9.89
CA GLY C 35 6.57 44.88 8.55
C GLY C 35 6.77 46.38 8.43
N GLN C 36 6.80 46.89 7.19
CA GLN C 36 6.97 48.31 6.90
C GLN C 36 5.63 49.09 7.00
N PHE C 37 5.71 50.41 7.27
CA PHE C 37 4.57 51.33 7.41
C PHE C 37 3.54 50.82 8.45
N ALA C 38 2.32 50.42 8.02
CA ALA C 38 1.25 49.94 8.92
C ALA C 38 1.10 48.41 8.98
N GLU C 39 1.75 47.68 8.03
CA GLU C 39 1.74 46.21 7.93
C GLU C 39 2.24 45.54 9.21
N ASN C 40 1.57 44.46 9.62
CA ASN C 40 1.92 43.72 10.83
C ASN C 40 2.63 42.40 10.58
N GLU C 41 2.76 42.05 9.31
CA GLU C 41 3.48 40.87 8.87
C GLU C 41 4.47 41.27 7.76
N THR C 42 5.44 40.37 7.47
CA THR C 42 6.48 40.57 6.46
C THR C 42 6.20 39.59 5.31
N ASN C 43 6.61 39.93 4.05
CA ASN C 43 6.42 39.06 2.87
C ASN C 43 7.73 38.82 2.07
N GLU C 44 8.85 39.40 2.51
CA GLU C 44 10.17 39.27 1.90
C GLU C 44 11.25 38.92 2.94
N VAL C 45 12.07 37.89 2.67
CA VAL C 45 13.17 37.48 3.54
C VAL C 45 14.47 37.40 2.73
N ASN C 46 15.52 38.06 3.20
CA ASN C 46 16.85 38.07 2.58
C ASN C 46 17.83 37.17 3.37
N PHE C 47 18.43 36.17 2.68
CA PHE C 47 19.40 35.22 3.25
C PHE C 47 20.79 35.51 2.69
N ARG C 48 21.55 36.31 3.43
CA ARG C 48 22.88 36.75 3.03
C ARG C 48 23.93 35.61 3.09
N GLU C 49 23.58 34.43 3.65
CA GLU C 49 24.48 33.28 3.76
C GLU C 49 23.96 31.97 3.12
N ILE C 50 22.82 32.00 2.40
CA ILE C 50 22.23 30.83 1.73
C ILE C 50 22.23 31.05 0.21
N PRO C 51 23.10 30.36 -0.57
CA PRO C 51 23.11 30.59 -2.03
C PRO C 51 21.91 29.93 -2.72
N SER C 52 21.68 30.33 -3.97
CA SER C 52 20.54 29.90 -4.77
C SER C 52 20.41 28.40 -4.98
N HIS C 53 21.52 27.64 -5.13
CA HIS C 53 21.44 26.17 -5.30
C HIS C 53 20.91 25.49 -4.04
N VAL C 54 21.20 26.08 -2.88
CA VAL C 54 20.72 25.56 -1.60
C VAL C 54 19.27 26.04 -1.35
N LEU C 55 19.00 27.34 -1.51
CA LEU C 55 17.68 27.92 -1.28
C LEU C 55 16.60 27.32 -2.18
N SER C 56 16.93 27.02 -3.46
CA SER C 56 15.95 26.40 -4.37
C SER C 56 15.57 25.02 -3.81
N LYS C 57 16.57 24.28 -3.33
CA LYS C 57 16.45 22.96 -2.73
C LYS C 57 15.59 22.99 -1.44
N VAL C 58 15.75 24.01 -0.59
CA VAL C 58 14.96 24.26 0.62
C VAL C 58 13.47 24.48 0.24
N CYS C 59 13.21 25.28 -0.84
CA CYS C 59 11.85 25.53 -1.34
C CYS C 59 11.21 24.24 -1.83
N MET C 60 12.00 23.34 -2.47
CA MET C 60 11.50 22.04 -2.93
C MET C 60 11.09 21.21 -1.69
N TYR C 61 11.86 21.32 -0.60
CA TYR C 61 11.54 20.64 0.66
C TYR C 61 10.22 21.16 1.23
N PHE C 62 10.00 22.49 1.18
CA PHE C 62 8.75 23.08 1.67
C PHE C 62 7.56 22.51 0.89
N THR C 63 7.71 22.34 -0.42
CA THR C 63 6.64 21.80 -1.28
C THR C 63 6.34 20.34 -0.92
N TYR C 64 7.39 19.55 -0.75
CA TYR C 64 7.37 18.14 -0.39
C TYR C 64 6.70 17.98 0.99
N LYS C 65 7.11 18.78 1.98
CA LYS C 65 6.58 18.72 3.35
C LYS C 65 5.07 18.95 3.37
N VAL C 66 4.62 20.04 2.76
CA VAL C 66 3.19 20.40 2.74
C VAL C 66 2.36 19.37 1.94
N ARG C 67 2.90 18.87 0.81
CA ARG C 67 2.20 17.86 0.01
C ARG C 67 2.04 16.53 0.75
N TYR C 68 3.10 16.06 1.44
CA TYR C 68 3.08 14.74 2.04
C TYR C 68 2.78 14.66 3.55
N THR C 69 2.81 15.77 4.29
CA THR C 69 2.50 15.78 5.72
C THR C 69 1.04 15.42 5.91
N ASN C 70 0.77 14.42 6.77
CA ASN C 70 -0.56 13.90 7.07
C ASN C 70 -1.30 13.40 5.82
N SER C 71 -0.59 12.70 4.94
CA SER C 71 -1.23 12.18 3.74
C SER C 71 -1.38 10.66 3.83
N SER C 72 -2.26 10.12 2.99
CA SER C 72 -2.50 8.68 2.89
C SER C 72 -1.88 8.18 1.57
N THR C 73 -1.46 9.14 0.71
CA THR C 73 -0.70 8.94 -0.54
C THR C 73 0.67 8.46 -0.05
N GLU C 74 1.20 7.35 -0.61
CA GLU C 74 2.52 6.80 -0.27
C GLU C 74 3.56 7.91 -0.38
N ILE C 75 4.50 7.95 0.56
CA ILE C 75 5.49 9.02 0.63
C ILE C 75 6.80 8.63 -0.07
N PRO C 76 7.26 9.44 -1.05
CA PRO C 76 8.55 9.15 -1.69
C PRO C 76 9.68 9.74 -0.82
N GLU C 77 10.92 9.32 -1.09
CA GLU C 77 12.09 9.84 -0.39
C GLU C 77 12.37 11.29 -0.81
N PHE C 78 12.89 12.14 0.11
CA PHE C 78 13.33 13.47 -0.30
C PHE C 78 14.80 13.29 -0.74
N PRO C 79 15.11 13.42 -2.04
CA PRO C 79 16.50 13.15 -2.50
C PRO C 79 17.46 14.30 -2.25
N ILE C 80 18.70 13.96 -1.88
CA ILE C 80 19.73 14.98 -1.62
C ILE C 80 21.02 14.46 -2.26
N ALA C 81 21.54 15.17 -3.26
CA ALA C 81 22.79 14.82 -3.95
C ALA C 81 23.96 14.97 -2.97
N PRO C 82 24.99 14.11 -3.01
CA PRO C 82 26.13 14.26 -2.07
C PRO C 82 26.79 15.64 -2.07
N GLU C 83 26.90 16.27 -3.25
CA GLU C 83 27.55 17.58 -3.41
C GLU C 83 26.82 18.76 -2.71
N ILE C 84 25.50 18.66 -2.46
CA ILE C 84 24.74 19.73 -1.80
C ILE C 84 24.49 19.44 -0.32
N ALA C 85 24.74 18.19 0.14
CA ALA C 85 24.41 17.69 1.49
C ALA C 85 24.87 18.58 2.66
N LEU C 86 26.13 18.99 2.71
CA LEU C 86 26.66 19.80 3.82
C LEU C 86 26.05 21.19 3.90
N GLU C 87 25.95 21.88 2.75
CA GLU C 87 25.35 23.21 2.69
C GLU C 87 23.87 23.15 3.02
N LEU C 88 23.19 22.12 2.52
CA LEU C 88 21.76 21.92 2.82
C LEU C 88 21.52 21.63 4.29
N LEU C 89 22.41 20.84 4.93
CA LEU C 89 22.39 20.52 6.37
C LEU C 89 22.53 21.82 7.19
N MET C 90 23.49 22.67 6.81
CA MET C 90 23.72 23.97 7.45
C MET C 90 22.51 24.90 7.30
N ALA C 91 21.88 24.93 6.11
CA ALA C 91 20.69 25.72 5.86
C ALA C 91 19.49 25.25 6.69
N ALA C 92 19.23 23.92 6.74
CA ALA C 92 18.14 23.30 7.53
C ALA C 92 18.32 23.54 9.03
N ASN C 93 19.56 23.50 9.49
CA ASN C 93 19.89 23.76 10.88
C ASN C 93 19.55 25.22 11.24
N PHE C 94 20.00 26.18 10.40
CA PHE C 94 19.74 27.61 10.55
C PHE C 94 18.23 27.90 10.44
N LEU C 95 17.57 27.27 9.49
CA LEU C 95 16.16 27.52 9.19
C LEU C 95 15.17 26.84 10.10
N ASP C 96 15.62 25.89 10.93
CA ASP C 96 14.77 25.13 11.83
C ASP C 96 13.57 24.46 11.05
N CYS C 97 13.92 23.63 10.05
CA CYS C 97 12.93 22.88 9.25
C CYS C 97 13.41 21.44 8.95
N MET D 1 -4.04 14.44 -11.88
CA MET D 1 -2.93 14.39 -10.96
C MET D 1 -2.17 15.71 -10.97
N ASP D 2 -1.52 16.05 -9.87
CA ASP D 2 -0.78 17.28 -9.68
C ASP D 2 0.63 17.24 -10.23
N VAL D 3 1.05 18.36 -10.80
CA VAL D 3 2.40 18.58 -11.32
C VAL D 3 2.99 19.78 -10.55
N PHE D 4 4.28 19.71 -10.26
CA PHE D 4 4.99 20.68 -9.45
C PHE D 4 6.07 21.30 -10.30
N LEU D 5 6.02 22.61 -10.40
CA LEU D 5 6.84 23.39 -11.30
C LEU D 5 7.64 24.50 -10.66
N MET D 6 8.70 24.91 -11.38
CA MET D 6 9.50 26.11 -11.10
C MET D 6 9.34 26.95 -12.37
N ILE D 7 8.69 28.11 -12.28
CA ILE D 7 8.54 29.04 -13.40
C ILE D 7 9.69 30.05 -13.28
N ARG D 8 10.62 30.00 -14.22
CA ARG D 8 11.86 30.77 -14.14
C ARG D 8 12.05 31.81 -15.24
N ARG D 9 12.51 32.98 -14.83
CA ARG D 9 12.87 34.10 -15.70
C ARG D 9 13.98 34.87 -15.01
N HIS D 10 15.12 35.06 -15.68
CA HIS D 10 16.27 35.84 -15.18
C HIS D 10 16.70 35.26 -13.82
N LYS D 11 16.58 36.04 -12.72
CA LYS D 11 16.88 35.59 -11.35
C LYS D 11 15.61 35.46 -10.50
N THR D 12 14.46 35.20 -11.12
CA THR D 12 13.17 34.99 -10.44
C THR D 12 12.73 33.55 -10.70
N THR D 13 12.31 32.84 -9.63
CA THR D 13 11.79 31.46 -9.68
C THR D 13 10.49 31.45 -8.88
N ILE D 14 9.39 31.07 -9.53
CA ILE D 14 8.09 30.90 -8.88
C ILE D 14 7.89 29.39 -8.66
N PHE D 15 7.59 28.99 -7.41
CA PHE D 15 7.24 27.62 -7.08
C PHE D 15 5.74 27.50 -7.11
N THR D 16 5.21 26.67 -8.02
CA THR D 16 3.77 26.44 -8.11
C THR D 16 3.42 25.02 -8.54
N ASP D 17 2.16 24.65 -8.38
CA ASP D 17 1.61 23.37 -8.77
C ASP D 17 0.37 23.63 -9.61
N ALA D 18 -0.01 22.67 -10.45
CA ALA D 18 -1.21 22.69 -11.28
C ALA D 18 -1.55 21.22 -11.59
N LYS D 19 -2.70 20.97 -12.22
CA LYS D 19 -3.07 19.61 -12.59
C LYS D 19 -2.41 19.30 -13.95
N GLU D 20 -2.14 18.03 -14.22
CA GLU D 20 -1.61 17.53 -15.50
C GLU D 20 -2.59 17.91 -16.65
N SER D 21 -3.91 17.90 -16.36
CA SER D 21 -4.97 18.20 -17.30
C SER D 21 -5.19 19.69 -17.49
N SER D 22 -4.56 20.55 -16.65
CA SER D 22 -4.74 21.99 -16.80
C SER D 22 -3.88 22.48 -17.97
N THR D 23 -4.31 23.59 -18.58
CA THR D 23 -3.65 24.12 -19.76
C THR D 23 -2.53 25.10 -19.47
N VAL D 24 -1.72 25.37 -20.49
CA VAL D 24 -0.64 26.35 -20.49
C VAL D 24 -1.26 27.73 -20.18
N PHE D 25 -2.43 28.04 -20.80
CA PHE D 25 -3.14 29.30 -20.55
C PHE D 25 -3.50 29.51 -19.07
N GLU D 26 -4.01 28.48 -18.40
CA GLU D 26 -4.34 28.51 -16.96
C GLU D 26 -3.09 28.74 -16.09
N LEU D 27 -1.93 28.25 -16.57
CA LEU D 27 -0.66 28.43 -15.91
C LEU D 27 -0.26 29.90 -16.06
N LYS D 28 -0.54 30.48 -17.23
CA LYS D 28 -0.29 31.91 -17.50
C LYS D 28 -1.14 32.79 -16.56
N ARG D 29 -2.39 32.35 -16.26
CA ARG D 29 -3.30 33.02 -15.32
C ARG D 29 -2.73 32.99 -13.89
N ILE D 30 -2.09 31.87 -13.50
CA ILE D 30 -1.41 31.78 -12.20
C ILE D 30 -0.23 32.81 -12.14
N VAL D 31 0.59 32.88 -13.19
CA VAL D 31 1.73 33.82 -13.28
C VAL D 31 1.22 35.27 -13.25
N GLU D 32 0.06 35.52 -13.89
CA GLU D 32 -0.60 36.82 -13.91
C GLU D 32 -0.93 37.32 -12.51
N GLY D 33 -1.50 36.45 -11.67
CA GLY D 33 -1.85 36.84 -10.31
C GLY D 33 -0.63 37.16 -9.45
N ILE D 34 0.53 36.57 -9.78
CA ILE D 34 1.77 36.78 -9.00
C ILE D 34 2.59 37.97 -9.54
N LEU D 35 2.85 37.99 -10.86
CA LEU D 35 3.73 38.95 -11.52
C LEU D 35 3.02 40.09 -12.23
N LYS D 36 1.67 40.05 -12.28
CA LYS D 36 0.80 41.09 -12.82
C LYS D 36 1.06 41.40 -14.28
N ARG D 37 1.22 40.35 -15.07
CA ARG D 37 1.38 40.45 -16.53
C ARG D 37 0.32 39.54 -17.10
N PRO D 38 -0.56 40.02 -18.00
CA PRO D 38 -1.60 39.13 -18.53
C PRO D 38 -1.04 38.02 -19.42
N PRO D 39 -1.79 36.92 -19.65
CA PRO D 39 -1.27 35.84 -20.50
C PRO D 39 -0.70 36.23 -21.86
N ASP D 40 -1.28 37.24 -22.54
CA ASP D 40 -0.79 37.69 -23.85
C ASP D 40 0.57 38.40 -23.78
N GLU D 41 1.06 38.70 -22.55
CA GLU D 41 2.37 39.30 -22.38
C GLU D 41 3.38 38.25 -21.95
N GLN D 42 2.98 36.96 -21.92
CA GLN D 42 3.84 35.86 -21.48
C GLN D 42 4.07 34.84 -22.53
N ARG D 43 5.28 34.28 -22.51
CA ARG D 43 5.68 33.15 -23.33
C ARG D 43 6.25 32.13 -22.36
N LEU D 44 5.74 30.91 -22.40
CA LEU D 44 6.21 29.83 -21.54
C LEU D 44 6.95 28.78 -22.39
N TYR D 45 8.00 28.21 -21.84
CA TYR D 45 8.83 27.23 -22.57
C TYR D 45 9.15 26.02 -21.74
N LYS D 46 9.39 24.91 -22.44
CA LYS D 46 9.96 23.69 -21.91
C LYS D 46 11.26 23.59 -22.72
N ASP D 47 12.40 23.89 -22.05
CA ASP D 47 13.72 24.04 -22.65
C ASP D 47 13.61 25.21 -23.64
N ASP D 48 13.75 24.98 -24.91
CA ASP D 48 13.64 26.07 -25.87
C ASP D 48 12.35 25.96 -26.64
N GLN D 49 11.46 25.02 -26.24
CA GLN D 49 10.18 24.81 -26.93
C GLN D 49 9.09 25.71 -26.36
N LEU D 50 8.61 26.67 -27.16
CA LEU D 50 7.51 27.56 -26.80
C LEU D 50 6.25 26.71 -26.60
N LEU D 51 5.53 26.95 -25.50
CA LEU D 51 4.33 26.19 -25.14
C LEU D 51 3.08 26.85 -25.64
N ASP D 52 2.21 26.03 -26.23
CA ASP D 52 0.96 26.51 -26.82
C ASP D 52 -0.13 26.57 -25.76
N ASP D 53 -0.85 27.71 -25.71
CA ASP D 53 -1.95 28.00 -24.76
C ASP D 53 -2.98 26.92 -24.55
N GLY D 54 -3.42 26.30 -25.64
CA GLY D 54 -4.46 25.27 -25.62
C GLY D 54 -4.03 23.90 -25.17
N LYS D 55 -2.72 23.68 -25.03
CA LYS D 55 -2.19 22.37 -24.62
C LYS D 55 -2.25 22.19 -23.14
N THR D 56 -2.52 20.94 -22.70
CA THR D 56 -2.49 20.62 -21.27
C THR D 56 -1.02 20.50 -20.83
N LEU D 57 -0.74 20.62 -19.54
CA LEU D 57 0.62 20.46 -19.01
C LEU D 57 1.18 19.06 -19.27
N GLY D 58 0.30 18.04 -19.23
CA GLY D 58 0.62 16.65 -19.55
C GLY D 58 1.05 16.46 -21.00
N GLU D 59 0.37 17.14 -21.93
CA GLU D 59 0.68 17.13 -23.37
C GLU D 59 2.02 17.85 -23.65
N CYS D 60 2.45 18.74 -22.74
CA CYS D 60 3.75 19.43 -22.82
C CYS D 60 4.88 18.57 -22.27
N GLY D 61 4.54 17.51 -21.53
CA GLY D 61 5.51 16.59 -20.95
C GLY D 61 5.69 16.76 -19.45
N PHE D 62 4.81 17.54 -18.80
CA PHE D 62 4.83 17.71 -17.36
C PHE D 62 3.86 16.70 -16.72
N THR D 63 4.43 15.63 -16.15
CA THR D 63 3.67 14.54 -15.52
C THR D 63 4.08 14.41 -14.07
N SER D 64 3.35 13.60 -13.30
CA SER D 64 3.64 13.32 -11.90
C SER D 64 5.03 12.70 -11.66
N GLN D 65 5.60 12.07 -12.72
CA GLN D 65 6.90 11.41 -12.67
C GLN D 65 8.05 12.34 -13.02
N THR D 66 7.79 13.42 -13.77
CA THR D 66 8.82 14.38 -14.21
C THR D 66 8.73 15.75 -13.52
N ALA D 67 7.63 15.99 -12.77
CA ALA D 67 7.29 17.25 -12.11
C ALA D 67 6.77 16.96 -10.68
N ARG D 68 7.71 16.59 -9.82
CA ARG D 68 7.46 16.12 -8.44
C ARG D 68 7.60 17.21 -7.37
N PRO D 69 6.94 17.14 -6.19
CA PRO D 69 7.12 18.23 -5.18
C PRO D 69 8.59 18.46 -4.81
N GLN D 70 9.34 17.36 -4.63
CA GLN D 70 10.76 17.30 -4.24
C GLN D 70 11.74 17.49 -5.41
N ALA D 71 11.22 17.47 -6.65
CA ALA D 71 12.03 17.61 -7.87
C ALA D 71 11.14 18.25 -8.95
N PRO D 72 10.74 19.54 -8.78
CA PRO D 72 9.85 20.17 -9.78
C PRO D 72 10.46 20.35 -11.17
N ALA D 73 9.61 20.40 -12.21
CA ALA D 73 10.02 20.65 -13.58
C ALA D 73 10.16 22.17 -13.80
N THR D 74 11.10 22.59 -14.66
CA THR D 74 11.33 24.00 -14.99
C THR D 74 10.48 24.43 -16.19
N VAL D 75 9.79 25.56 -16.05
CA VAL D 75 9.04 26.21 -17.10
C VAL D 75 9.77 27.56 -17.32
N GLY D 76 10.33 27.77 -18.50
CA GLY D 76 11.00 29.03 -18.85
C GLY D 76 9.97 30.11 -19.14
N LEU D 77 10.23 31.36 -18.75
CA LEU D 77 9.29 32.46 -18.95
C LEU D 77 9.96 33.70 -19.56
N ALA D 78 9.36 34.25 -20.63
CA ALA D 78 9.79 35.50 -21.28
C ALA D 78 8.56 36.40 -21.44
N PHE D 79 8.78 37.70 -21.23
CA PHE D 79 7.71 38.69 -21.33
C PHE D 79 7.76 39.41 -22.70
N ARG D 80 6.56 39.74 -23.21
CA ARG D 80 6.32 40.53 -24.42
C ARG D 80 5.77 41.83 -23.92
N ALA D 81 6.35 42.96 -24.31
CA ALA D 81 5.86 44.27 -23.94
C ALA D 81 5.61 45.02 -25.22
N ASP D 82 4.35 44.90 -25.73
CA ASP D 82 3.88 45.48 -26.99
C ASP D 82 4.72 44.94 -28.18
N ASP D 83 5.55 45.78 -28.86
CA ASP D 83 6.35 45.30 -29.97
C ASP D 83 7.61 44.59 -29.53
N THR D 84 7.97 44.73 -28.22
CA THR D 84 9.15 44.13 -27.60
C THR D 84 8.91 42.66 -27.18
N PHE D 85 9.86 41.79 -27.54
CA PHE D 85 9.88 40.38 -27.20
C PHE D 85 11.28 40.12 -26.68
N GLU D 86 11.41 39.97 -25.34
CA GLU D 86 12.75 39.72 -24.81
C GLU D 86 13.17 38.28 -25.14
N ALA D 87 14.49 38.06 -25.26
CA ALA D 87 15.00 36.71 -25.44
C ALA D 87 14.76 35.96 -24.10
N LEU D 88 14.46 34.65 -24.17
CA LEU D 88 14.33 33.82 -22.98
C LEU D 88 15.71 33.75 -22.32
N CYS D 89 15.76 34.15 -21.05
CA CYS D 89 17.00 34.17 -20.29
C CYS D 89 16.70 33.70 -18.88
N ILE D 90 17.33 32.59 -18.48
CA ILE D 90 17.22 32.03 -17.14
C ILE D 90 18.64 32.07 -16.61
N GLU D 91 18.86 32.78 -15.49
CA GLU D 91 20.14 32.84 -14.84
C GLU D 91 20.38 31.54 -14.03
N PRO D 92 21.51 30.83 -14.23
CA PRO D 92 21.71 29.59 -13.48
C PRO D 92 21.90 29.84 -11.99
N PHE D 93 21.56 28.86 -11.18
CA PHE D 93 21.78 28.91 -9.76
C PHE D 93 23.29 28.76 -9.51
N SER D 94 23.74 29.01 -8.28
CA SER D 94 25.12 28.83 -7.91
C SER D 94 25.47 27.34 -7.93
N SER D 95 26.77 27.02 -7.81
CA SER D 95 27.25 25.65 -7.83
C SER D 95 27.80 25.26 -6.47
N PRO D 96 27.56 24.00 -6.02
CA PRO D 96 28.17 23.57 -4.76
C PRO D 96 29.69 23.46 -4.91
N PRO D 97 30.48 23.45 -3.80
CA PRO D 97 31.93 23.24 -3.94
C PRO D 97 32.20 21.80 -4.39
N GLU D 98 33.47 21.47 -4.62
CA GLU D 98 33.87 20.11 -4.97
C GLU D 98 33.57 19.22 -3.78
N LEU D 99 33.06 18.01 -4.05
CA LEU D 99 32.77 17.03 -3.02
C LEU D 99 34.02 16.70 -2.16
N PRO D 100 33.96 16.89 -0.82
CA PRO D 100 35.14 16.60 0.04
C PRO D 100 35.60 15.14 -0.04
N ASP D 101 36.90 14.91 0.24
CA ASP D 101 37.52 13.58 0.25
C ASP D 101 36.80 12.57 1.15
N VAL D 102 36.40 12.99 2.36
CA VAL D 102 35.70 12.14 3.34
C VAL D 102 34.25 11.73 2.87
N MET D 103 33.78 12.27 1.74
CA MET D 103 32.45 11.95 1.20
C MET D 103 32.51 11.05 -0.07
N LYS D 104 33.73 10.72 -0.50
CA LYS D 104 34.02 9.85 -1.65
C LYS D 104 34.24 8.40 -1.13
N SER E 7 -47.11 39.77 17.45
CA SER E 7 -46.41 41.02 17.15
C SER E 7 -45.11 40.74 16.40
N PRO E 8 -44.84 41.41 15.26
CA PRO E 8 -43.58 41.17 14.55
C PRO E 8 -42.43 41.89 15.24
N ASN E 9 -41.20 41.38 15.04
CA ASN E 9 -39.99 41.99 15.60
C ASN E 9 -39.72 43.32 14.87
N PRO E 10 -39.04 44.32 15.48
CA PRO E 10 -38.71 45.55 14.72
C PRO E 10 -37.86 45.20 13.48
N PRO E 11 -38.08 45.83 12.30
CA PRO E 11 -37.30 45.46 11.11
C PRO E 11 -35.78 45.34 11.29
N LYS E 12 -35.19 46.14 12.22
CA LYS E 12 -33.75 46.13 12.55
C LYS E 12 -33.33 44.79 13.15
N LEU E 13 -34.12 44.28 14.14
CA LEU E 13 -33.85 43.00 14.78
C LEU E 13 -33.85 41.86 13.75
N THR E 14 -34.85 41.84 12.83
CA THR E 14 -34.93 40.83 11.76
C THR E 14 -33.73 40.98 10.79
N LYS E 15 -33.38 42.24 10.43
CA LYS E 15 -32.23 42.55 9.57
C LYS E 15 -30.91 42.04 10.19
N GLN E 16 -30.73 42.21 11.53
CA GLN E 16 -29.55 41.72 12.29
C GLN E 16 -29.50 40.19 12.31
N MET E 17 -30.65 39.55 12.61
CA MET E 17 -30.80 38.09 12.65
C MET E 17 -30.43 37.45 11.31
N ASN E 18 -30.97 38.00 10.21
CA ASN E 18 -30.71 37.53 8.85
C ASN E 18 -29.27 37.77 8.41
N ALA E 19 -28.67 38.90 8.81
CA ALA E 19 -27.28 39.21 8.47
C ALA E 19 -26.34 38.19 9.14
N ILE E 20 -26.62 37.87 10.43
CA ILE E 20 -25.83 36.91 11.21
C ILE E 20 -25.96 35.49 10.60
N ILE E 21 -27.19 35.01 10.37
CA ILE E 21 -27.44 33.68 9.80
C ILE E 21 -26.88 33.54 8.37
N ASP E 22 -26.90 34.62 7.56
CA ASP E 22 -26.34 34.61 6.21
C ASP E 22 -24.83 34.41 6.26
N THR E 23 -24.14 35.08 7.21
CA THR E 23 -22.68 34.96 7.42
C THR E 23 -22.34 33.50 7.78
N VAL E 24 -23.10 32.90 8.70
CA VAL E 24 -22.95 31.50 9.13
C VAL E 24 -23.15 30.55 7.93
N ILE E 25 -24.26 30.71 7.18
CA ILE E 25 -24.61 29.88 6.04
C ILE E 25 -23.62 30.04 4.87
N ASN E 26 -23.19 31.27 4.57
CA ASN E 26 -22.29 31.54 3.44
C ASN E 26 -20.81 31.26 3.72
N TYR E 27 -20.44 31.03 4.99
CA TYR E 27 -19.04 30.80 5.39
C TYR E 27 -18.36 29.64 4.66
N LYS E 28 -17.20 29.93 4.05
CA LYS E 28 -16.38 28.93 3.39
C LYS E 28 -15.03 28.84 4.11
N ASP E 29 -14.51 27.62 4.32
CA ASP E 29 -13.19 27.44 4.93
C ASP E 29 -12.07 27.83 3.94
N SER E 30 -10.77 27.70 4.33
CA SER E 30 -9.64 28.06 3.47
C SER E 30 -9.54 27.24 2.17
N SER E 31 -10.24 26.09 2.09
CA SER E 31 -10.28 25.22 0.91
C SER E 31 -11.52 25.53 0.02
N GLY E 32 -12.29 26.56 0.40
CA GLY E 32 -13.49 27.01 -0.32
C GLY E 32 -14.75 26.20 -0.08
N ARG E 33 -14.72 25.30 0.93
CA ARG E 33 -15.87 24.46 1.25
C ARG E 33 -16.85 25.19 2.16
N GLN E 34 -18.15 25.21 1.78
CA GLN E 34 -19.20 25.84 2.57
C GLN E 34 -19.58 24.86 3.68
N LEU E 35 -19.13 25.15 4.91
CA LEU E 35 -19.32 24.28 6.08
C LEU E 35 -20.78 24.01 6.46
N SER E 36 -21.72 24.89 6.08
CA SER E 36 -23.14 24.77 6.41
C SER E 36 -23.97 23.80 5.54
N GLU E 37 -23.44 23.34 4.38
CA GLU E 37 -24.17 22.48 3.40
C GLU E 37 -25.04 21.40 4.01
N VAL E 38 -24.42 20.51 4.83
CA VAL E 38 -25.10 19.37 5.49
C VAL E 38 -26.15 19.83 6.51
N PHE E 39 -25.93 21.00 7.13
CA PHE E 39 -26.79 21.55 8.17
C PHE E 39 -28.02 22.36 7.69
N ILE E 40 -28.15 22.57 6.37
CA ILE E 40 -29.29 23.31 5.81
C ILE E 40 -30.60 22.57 6.05
N GLN E 41 -30.60 21.27 5.76
CA GLN E 41 -31.79 20.44 5.92
C GLN E 41 -31.45 19.14 6.61
N LEU E 42 -32.18 18.85 7.70
CA LEU E 42 -32.08 17.62 8.48
C LEU E 42 -32.46 16.42 7.58
N PRO E 43 -31.89 15.22 7.83
CA PRO E 43 -32.37 14.04 7.10
C PRO E 43 -33.79 13.76 7.61
N SER E 44 -34.64 13.13 6.80
CA SER E 44 -35.99 12.85 7.27
C SER E 44 -35.98 11.72 8.31
N ARG E 45 -37.12 11.55 9.03
CA ARG E 45 -37.32 10.51 10.03
CA ARG E 45 -37.31 10.50 10.03
C ARG E 45 -37.15 9.11 9.41
N LYS E 46 -37.56 8.95 8.13
CA LYS E 46 -37.43 7.68 7.41
C LYS E 46 -36.01 7.43 6.89
N GLU E 47 -35.30 8.50 6.44
CA GLU E 47 -33.90 8.43 5.96
C GLU E 47 -32.96 8.09 7.10
N LEU E 48 -33.13 8.75 8.27
CA LEU E 48 -32.25 8.55 9.42
C LEU E 48 -33.00 8.51 10.77
N PRO E 49 -33.72 7.39 11.08
CA PRO E 49 -34.47 7.33 12.35
C PRO E 49 -33.63 7.40 13.61
N GLU E 50 -32.38 6.90 13.55
CA GLU E 50 -31.39 6.92 14.65
C GLU E 50 -31.10 8.35 15.14
N TYR E 51 -31.24 9.35 14.25
CA TYR E 51 -31.05 10.75 14.59
C TYR E 51 -32.18 11.23 15.52
N TYR E 52 -33.43 10.87 15.19
CA TYR E 52 -34.62 11.25 15.94
C TYR E 52 -34.78 10.47 17.23
N GLU E 53 -34.19 9.28 17.29
CA GLU E 53 -34.20 8.47 18.51
C GLU E 53 -33.27 9.09 19.56
N LEU E 54 -32.17 9.74 19.11
CA LEU E 54 -31.17 10.34 20.00
C LEU E 54 -31.38 11.84 20.29
N ILE E 55 -31.69 12.63 19.25
CA ILE E 55 -31.82 14.09 19.32
C ILE E 55 -33.25 14.49 19.65
N ARG E 56 -33.46 15.04 20.88
CA ARG E 56 -34.78 15.46 21.36
C ARG E 56 -35.34 16.69 20.67
N LYS E 57 -34.49 17.70 20.37
CA LYS E 57 -34.97 18.91 19.70
C LYS E 57 -34.22 19.12 18.35
N PRO E 58 -34.58 18.35 17.29
CA PRO E 58 -33.90 18.53 15.99
C PRO E 58 -34.19 19.91 15.37
N VAL E 59 -33.16 20.50 14.76
CA VAL E 59 -33.22 21.82 14.13
C VAL E 59 -32.15 21.86 13.01
N ASP E 60 -32.45 22.62 11.95
CA ASP E 60 -31.56 22.83 10.82
C ASP E 60 -31.62 24.32 10.46
N PHE E 61 -30.76 24.79 9.54
CA PHE E 61 -30.71 26.19 9.15
C PHE E 61 -31.99 26.65 8.46
N LYS E 62 -32.71 25.73 7.79
CA LYS E 62 -33.99 26.00 7.14
C LYS E 62 -35.05 26.37 8.20
N LYS E 63 -35.11 25.59 9.29
CA LYS E 63 -36.00 25.77 10.44
C LYS E 63 -35.66 27.09 11.15
N ILE E 64 -34.34 27.39 11.31
CA ILE E 64 -33.81 28.61 11.95
C ILE E 64 -34.24 29.87 11.16
N LYS E 65 -34.00 29.88 9.83
CA LYS E 65 -34.39 30.98 8.93
C LYS E 65 -35.91 31.24 8.93
N GLU E 66 -36.72 30.16 8.98
CA GLU E 66 -38.19 30.25 9.02
C GLU E 66 -38.64 30.77 10.39
N ARG E 67 -37.83 30.52 11.45
CA ARG E 67 -38.11 31.05 12.79
C ARG E 67 -37.78 32.54 12.90
N ILE E 68 -36.86 33.05 12.03
CA ILE E 68 -36.52 34.48 11.96
C ILE E 68 -37.68 35.17 11.23
N ARG E 69 -38.07 34.59 10.06
CA ARG E 69 -39.15 35.04 9.18
C ARG E 69 -40.49 35.16 9.90
N ASN E 70 -40.89 34.13 10.67
CA ASN E 70 -42.17 34.10 11.41
C ASN E 70 -42.07 34.64 12.85
N HIS E 71 -40.99 35.42 13.12
CA HIS E 71 -40.68 36.13 14.37
C HIS E 71 -40.76 35.28 15.66
N LYS E 72 -40.34 34.00 15.60
CA LYS E 72 -40.34 33.10 16.76
C LYS E 72 -39.23 33.50 17.76
N TYR E 73 -38.11 34.06 17.26
CA TYR E 73 -37.03 34.52 18.13
C TYR E 73 -37.30 35.98 18.47
N ARG E 74 -37.33 36.33 19.76
CA ARG E 74 -37.58 37.70 20.20
C ARG E 74 -36.30 38.50 20.44
N SER E 75 -35.13 37.83 20.36
CA SER E 75 -33.82 38.46 20.60
C SER E 75 -32.70 37.69 19.90
N LEU E 76 -31.48 38.29 19.82
CA LEU E 76 -30.33 37.62 19.21
C LEU E 76 -29.91 36.42 20.05
N GLY E 77 -30.22 36.47 21.35
CA GLY E 77 -29.95 35.39 22.30
C GLY E 77 -30.80 34.16 22.01
N ASP E 78 -32.04 34.36 21.53
CA ASP E 78 -32.96 33.27 21.14
C ASP E 78 -32.44 32.61 19.88
N LEU E 79 -31.92 33.43 18.94
CA LEU E 79 -31.33 32.98 17.68
C LEU E 79 -30.09 32.14 18.02
N GLU E 80 -29.18 32.67 18.88
CA GLU E 80 -27.97 32.01 19.34
C GLU E 80 -28.29 30.66 19.96
N LYS E 81 -29.26 30.61 20.89
CA LYS E 81 -29.65 29.36 21.56
C LYS E 81 -29.96 28.22 20.56
N ASP E 82 -30.68 28.56 19.47
CA ASP E 82 -31.06 27.61 18.43
C ASP E 82 -29.88 27.18 17.50
N VAL E 83 -28.95 28.10 17.18
CA VAL E 83 -27.75 27.82 16.38
C VAL E 83 -26.84 26.90 17.21
N MET E 84 -26.68 27.20 18.50
CA MET E 84 -25.88 26.39 19.42
C MET E 84 -26.51 25.01 19.60
N LEU E 85 -27.86 24.95 19.61
CA LEU E 85 -28.59 23.68 19.72
C LEU E 85 -28.32 22.83 18.47
N LEU E 86 -28.36 23.44 17.27
CA LEU E 86 -28.08 22.77 15.99
C LEU E 86 -26.69 22.11 16.06
N CYS E 87 -25.67 22.90 16.44
CA CYS E 87 -24.29 22.51 16.56
C CYS E 87 -24.08 21.43 17.62
N HIS E 88 -24.68 21.57 18.80
CA HIS E 88 -24.58 20.54 19.85
C HIS E 88 -25.27 19.21 19.45
N ASN E 89 -26.37 19.28 18.69
CA ASN E 89 -27.09 18.11 18.16
C ASN E 89 -26.21 17.33 17.21
N ALA E 90 -25.53 18.07 16.28
CA ALA E 90 -24.62 17.53 15.29
C ALA E 90 -23.43 16.85 15.96
N GLN E 91 -22.93 17.44 17.06
CA GLN E 91 -21.81 16.93 17.84
C GLN E 91 -22.20 15.67 18.60
N THR E 92 -23.38 15.66 19.20
CA THR E 92 -23.92 14.54 19.98
C THR E 92 -24.16 13.33 19.09
N PHE E 93 -24.75 13.55 17.92
CA PHE E 93 -25.02 12.45 17.03
C PHE E 93 -23.77 11.86 16.37
N ASN E 94 -22.90 12.71 15.80
CA ASN E 94 -21.76 12.30 15.02
C ASN E 94 -20.50 12.01 15.82
N LEU E 95 -20.34 12.65 17.02
CA LEU E 95 -19.23 12.42 17.96
C LEU E 95 -17.92 13.02 17.50
N GLU E 96 -17.01 13.24 18.47
CA GLU E 96 -15.66 13.81 18.28
C GLU E 96 -14.95 12.98 17.22
N GLY E 97 -14.22 13.64 16.32
CA GLY E 97 -13.47 12.99 15.26
C GLY E 97 -14.13 13.05 13.89
N SER E 98 -15.44 13.19 13.85
CA SER E 98 -16.13 13.29 12.56
C SER E 98 -15.98 14.70 11.98
N GLN E 99 -16.05 14.84 10.64
CA GLN E 99 -15.97 16.14 9.97
C GLN E 99 -17.16 17.05 10.33
N ILE E 100 -18.36 16.49 10.48
CA ILE E 100 -19.57 17.21 10.86
C ILE E 100 -19.37 17.86 12.24
N TYR E 101 -18.80 17.10 13.21
CA TYR E 101 -18.51 17.57 14.56
C TYR E 101 -17.62 18.83 14.46
N GLU E 102 -16.49 18.73 13.73
CA GLU E 102 -15.52 19.80 13.55
C GLU E 102 -16.10 21.00 12.81
N ASP E 103 -16.91 20.75 11.75
CA ASP E 103 -17.58 21.83 11.00
C ASP E 103 -18.52 22.61 11.90
N SER E 104 -19.27 21.92 12.77
CA SER E 104 -20.22 22.57 13.68
C SER E 104 -19.51 23.43 14.75
N ILE E 105 -18.27 23.06 15.13
CA ILE E 105 -17.44 23.81 16.09
C ILE E 105 -17.09 25.16 15.44
N VAL E 106 -16.63 25.14 14.18
CA VAL E 106 -16.28 26.33 13.40
C VAL E 106 -17.52 27.23 13.24
N LEU E 107 -18.68 26.64 12.90
CA LEU E 107 -19.91 27.39 12.73
C LEU E 107 -20.35 28.13 14.00
N GLN E 108 -20.13 27.53 15.18
CA GLN E 108 -20.38 28.18 16.48
C GLN E 108 -19.52 29.45 16.58
N SER E 109 -18.25 29.33 16.20
CA SER E 109 -17.24 30.41 16.24
C SER E 109 -17.61 31.53 15.25
N VAL E 110 -18.02 31.17 14.01
CA VAL E 110 -18.47 32.10 12.96
C VAL E 110 -19.73 32.83 13.48
N PHE E 111 -20.66 32.11 14.14
CA PHE E 111 -21.86 32.75 14.68
C PHE E 111 -21.50 33.82 15.72
N LYS E 112 -20.63 33.46 16.68
CA LYS E 112 -20.24 34.39 17.76
C LYS E 112 -19.57 35.67 17.21
N SER E 113 -18.67 35.52 16.20
CA SER E 113 -17.96 36.61 15.54
C SER E 113 -18.89 37.50 14.75
N ALA E 114 -19.90 36.88 14.09
CA ALA E 114 -20.90 37.56 13.26
C ALA E 114 -21.79 38.42 14.14
N ARG E 115 -22.24 37.87 15.29
CA ARG E 115 -23.07 38.61 16.25
C ARG E 115 -22.32 39.84 16.79
N GLN E 116 -21.02 39.67 17.09
CA GLN E 116 -20.09 40.66 17.61
C GLN E 116 -19.93 41.81 16.61
N LYS E 117 -19.73 41.50 15.29
CA LYS E 117 -19.54 42.50 14.24
C LYS E 117 -20.78 43.39 14.04
N ILE E 118 -21.98 42.81 14.19
CA ILE E 118 -23.29 43.50 14.12
C ILE E 118 -23.45 44.42 15.34
N ALA E 119 -23.06 43.94 16.55
CA ALA E 119 -23.13 44.64 17.84
C ALA E 119 -22.19 45.86 17.87
N LYS E 120 -20.93 45.68 17.39
CA LYS E 120 -19.89 46.71 17.31
C LYS E 120 -20.17 47.79 16.24
N GLU E 121 -21.21 47.59 15.40
CA GLU E 121 -21.60 48.53 14.35
C GLU E 121 -22.83 49.35 14.74
N PRO F 8 -32.51 -2.59 12.02
CA PRO F 8 -31.65 -3.64 12.58
C PRO F 8 -32.23 -5.05 12.45
N ARG F 9 -32.12 -5.67 11.25
CA ARG F 9 -32.67 -7.01 11.05
C ARG F 9 -31.70 -8.06 10.39
N PRO F 10 -31.13 -7.91 9.16
CA PRO F 10 -30.26 -8.99 8.61
C PRO F 10 -28.95 -9.24 9.33
N VAL F 11 -28.34 -10.40 9.07
CA VAL F 11 -27.07 -10.83 9.65
C VAL F 11 -25.96 -9.85 9.24
N LEU F 12 -25.86 -9.52 7.94
CA LEU F 12 -24.87 -8.59 7.41
C LEU F 12 -25.38 -7.14 7.42
N ARG F 13 -24.99 -6.39 8.46
CA ARG F 13 -25.38 -5.00 8.68
C ARG F 13 -24.41 -4.31 9.66
N SER F 14 -24.41 -2.98 9.64
CA SER F 14 -23.62 -2.21 10.59
C SER F 14 -24.37 -2.17 11.91
N VAL F 15 -23.64 -2.08 13.00
CA VAL F 15 -24.26 -1.93 14.32
C VAL F 15 -24.20 -0.45 14.65
N ASN F 16 -25.29 0.12 15.20
CA ASN F 16 -25.33 1.52 15.60
C ASN F 16 -24.60 1.63 16.94
N SER F 17 -23.27 1.44 16.90
CA SER F 17 -22.38 1.39 18.06
C SER F 17 -22.17 2.71 18.72
N ARG F 18 -22.04 3.77 17.89
CA ARG F 18 -21.76 5.15 18.31
C ARG F 18 -20.40 5.19 19.00
N GLU F 19 -19.45 4.39 18.49
CA GLU F 19 -18.07 4.31 19.02
C GLU F 19 -17.16 4.71 17.87
N PRO F 20 -16.64 5.95 17.86
CA PRO F 20 -15.82 6.40 16.71
C PRO F 20 -14.65 5.48 16.36
N SER F 21 -14.37 5.32 15.06
CA SER F 21 -13.22 4.54 14.57
C SER F 21 -12.60 5.23 13.36
N GLN F 22 -11.34 5.64 13.46
CA GLN F 22 -10.58 6.27 12.35
C GLN F 22 -10.06 5.19 11.39
N VAL F 23 -10.28 5.37 10.10
CA VAL F 23 -9.89 4.39 9.11
C VAL F 23 -9.13 5.01 7.93
N ILE F 24 -8.19 4.26 7.36
CA ILE F 24 -7.52 4.70 6.14
C ILE F 24 -8.04 3.81 5.00
N PHE F 25 -8.70 4.40 3.98
CA PHE F 25 -9.12 3.65 2.79
C PHE F 25 -8.01 3.85 1.77
N CYS F 26 -7.35 2.77 1.37
CA CYS F 26 -6.27 2.92 0.42
C CYS F 26 -6.52 2.09 -0.81
N ASN F 27 -6.68 2.75 -1.95
CA ASN F 27 -6.98 2.08 -3.21
C ASN F 27 -5.71 1.62 -3.89
N ARG F 28 -5.38 0.32 -3.73
CA ARG F 28 -4.19 -0.29 -4.33
CA ARG F 28 -4.21 -0.27 -4.37
C ARG F 28 -4.63 -1.26 -5.47
N SER F 29 -5.67 -0.86 -6.22
CA SER F 29 -6.21 -1.58 -7.36
C SER F 29 -6.08 -0.61 -8.56
N PRO F 30 -6.08 -1.07 -9.83
CA PRO F 30 -6.04 -0.13 -10.97
C PRO F 30 -7.43 0.39 -11.32
N ARG F 31 -8.43 0.10 -10.47
CA ARG F 31 -9.81 0.48 -10.67
C ARG F 31 -10.18 1.71 -9.86
N VAL F 32 -11.24 2.42 -10.30
CA VAL F 32 -11.89 3.51 -9.58
C VAL F 32 -12.72 2.72 -8.57
N VAL F 33 -12.51 2.98 -7.28
CA VAL F 33 -13.17 2.22 -6.22
C VAL F 33 -14.37 2.96 -5.67
N LEU F 34 -15.47 2.20 -5.53
CA LEU F 34 -16.67 2.60 -4.87
C LEU F 34 -16.71 1.95 -3.48
N PRO F 35 -16.50 2.74 -2.39
CA PRO F 35 -16.68 2.17 -1.05
C PRO F 35 -18.19 2.05 -0.81
N VAL F 36 -18.61 0.92 -0.25
CA VAL F 36 -20.03 0.66 0.00
C VAL F 36 -20.25 0.37 1.48
N TRP F 37 -21.08 1.18 2.14
CA TRP F 37 -21.41 0.99 3.55
C TRP F 37 -22.75 0.29 3.70
N LEU F 38 -22.82 -0.73 4.56
CA LEU F 38 -24.07 -1.41 4.82
C LEU F 38 -24.71 -0.69 5.97
N ASN F 39 -25.92 -0.14 5.80
CA ASN F 39 -26.55 0.60 6.87
C ASN F 39 -27.05 -0.32 8.01
N PHE F 40 -27.77 0.25 8.99
CA PHE F 40 -28.27 -0.47 10.16
C PHE F 40 -29.30 -1.52 9.80
N ASP F 41 -29.86 -1.45 8.56
CA ASP F 41 -30.81 -2.43 8.02
C ASP F 41 -30.15 -3.35 6.97
N GLY F 42 -28.82 -3.25 6.81
CA GLY F 42 -28.05 -4.03 5.85
C GLY F 42 -28.18 -3.61 4.40
N GLU F 43 -28.71 -2.40 4.16
CA GLU F 43 -28.89 -1.85 2.82
C GLU F 43 -27.58 -1.17 2.36
N PRO F 44 -27.12 -1.45 1.12
CA PRO F 44 -25.87 -0.85 0.65
C PRO F 44 -25.97 0.64 0.31
N GLN F 45 -24.99 1.44 0.79
CA GLN F 45 -24.94 2.91 0.58
C GLN F 45 -23.67 3.28 -0.14
N PRO F 46 -23.75 3.98 -1.29
CA PRO F 46 -22.53 4.35 -2.00
C PRO F 46 -21.80 5.54 -1.36
N TYR F 47 -20.48 5.46 -1.28
CA TYR F 47 -19.70 6.56 -0.72
C TYR F 47 -18.84 7.19 -1.85
N PRO F 48 -18.24 8.40 -1.66
CA PRO F 48 -17.41 8.99 -2.73
C PRO F 48 -16.32 8.02 -3.23
N THR F 49 -16.08 8.02 -4.53
CA THR F 49 -15.13 7.11 -5.15
C THR F 49 -13.66 7.48 -4.91
N LEU F 50 -12.78 6.47 -5.02
CA LEU F 50 -11.34 6.62 -4.84
C LEU F 50 -10.63 6.29 -6.17
N PRO F 51 -9.90 7.27 -6.75
CA PRO F 51 -9.15 6.98 -7.98
C PRO F 51 -8.04 5.93 -7.72
N PRO F 52 -7.55 5.19 -8.74
CA PRO F 52 -6.43 4.23 -8.48
C PRO F 52 -5.24 4.90 -7.79
N GLY F 53 -4.66 4.23 -6.79
CA GLY F 53 -3.50 4.73 -6.05
C GLY F 53 -3.77 5.73 -4.95
N THR F 54 -5.04 6.16 -4.76
CA THR F 54 -5.37 7.16 -3.76
C THR F 54 -5.77 6.56 -2.42
N GLY F 55 -5.44 7.27 -1.36
CA GLY F 55 -5.80 6.92 0.00
C GLY F 55 -6.46 8.10 0.69
N ARG F 56 -7.39 7.83 1.60
CA ARG F 56 -8.09 8.86 2.36
C ARG F 56 -8.31 8.39 3.76
N ARG F 57 -8.08 9.29 4.72
CA ARG F 57 -8.35 9.05 6.14
C ARG F 57 -9.82 9.43 6.31
N ILE F 58 -10.65 8.44 6.66
CA ILE F 58 -12.10 8.59 6.77
C ILE F 58 -12.53 8.29 8.19
N HIS F 59 -13.69 8.80 8.58
CA HIS F 59 -14.21 8.57 9.92
CA HIS F 59 -14.19 8.51 9.92
C HIS F 59 -15.39 7.59 9.87
N SER F 60 -15.30 6.51 10.64
CA SER F 60 -16.35 5.50 10.69
C SER F 60 -16.60 5.12 12.17
N TYR F 61 -17.24 4.01 12.43
CA TYR F 61 -17.56 3.63 13.80
C TYR F 61 -17.35 2.15 13.96
N ARG F 62 -17.08 1.67 15.20
CA ARG F 62 -16.91 0.26 15.53
C ARG F 62 -18.15 -0.53 15.06
N GLY F 63 -17.93 -1.70 14.49
CA GLY F 63 -19.03 -2.55 14.02
C GLY F 63 -19.68 -2.09 12.73
N HIS F 64 -19.12 -1.08 12.05
CA HIS F 64 -19.68 -0.63 10.78
C HIS F 64 -19.06 -1.48 9.67
N LEU F 65 -19.90 -1.95 8.77
CA LEU F 65 -19.57 -2.90 7.72
C LEU F 65 -19.42 -2.27 6.33
N TRP F 66 -18.27 -2.56 5.70
CA TRP F 66 -17.94 -2.06 4.37
C TRP F 66 -17.56 -3.16 3.39
N LEU F 67 -17.80 -2.89 2.11
CA LEU F 67 -17.37 -3.66 0.96
C LEU F 67 -16.95 -2.67 -0.14
N PHE F 68 -16.17 -3.12 -1.10
CA PHE F 68 -15.61 -2.23 -2.12
C PHE F 68 -15.77 -2.88 -3.48
N ARG F 69 -16.17 -2.07 -4.46
CA ARG F 69 -16.46 -2.49 -5.82
C ARG F 69 -15.81 -1.58 -6.80
N ASP F 70 -15.71 -2.04 -8.06
CA ASP F 70 -15.28 -1.18 -9.16
C ASP F 70 -16.50 -0.22 -9.32
N ALA F 71 -16.24 1.09 -9.30
CA ALA F 71 -17.31 2.10 -9.39
C ALA F 71 -18.13 2.02 -10.70
N GLY F 72 -17.46 1.68 -11.79
CA GLY F 72 -18.08 1.61 -13.12
C GLY F 72 -18.84 0.33 -13.42
N THR F 73 -18.30 -0.81 -13.00
CA THR F 73 -18.87 -2.12 -13.35
C THR F 73 -19.47 -2.91 -12.19
N HIS F 74 -19.18 -2.50 -10.93
CA HIS F 74 -19.59 -3.18 -9.71
C HIS F 74 -18.92 -4.55 -9.52
N ASP F 75 -17.78 -4.79 -10.20
CA ASP F 75 -16.94 -5.96 -10.02
C ASP F 75 -16.44 -5.92 -8.55
N GLY F 76 -16.48 -7.07 -7.88
CA GLY F 76 -16.07 -7.16 -6.48
C GLY F 76 -14.60 -6.99 -6.31
N LEU F 77 -14.20 -6.30 -5.22
CA LEU F 77 -12.80 -6.06 -4.88
C LEU F 77 -12.51 -6.61 -3.48
N LEU F 78 -11.22 -6.74 -3.15
CA LEU F 78 -10.83 -7.23 -1.82
C LEU F 78 -10.39 -6.08 -0.94
N VAL F 79 -10.54 -6.26 0.36
CA VAL F 79 -10.11 -5.31 1.39
C VAL F 79 -9.41 -6.15 2.42
N ASN F 80 -8.08 -5.95 2.56
CA ASN F 80 -7.23 -6.70 3.48
C ASN F 80 -7.37 -8.20 3.21
N GLN F 81 -7.43 -8.57 1.92
CA GLN F 81 -7.49 -9.94 1.41
C GLN F 81 -8.84 -10.63 1.59
N THR F 82 -9.88 -9.90 1.97
CA THR F 82 -11.19 -10.49 2.18
C THR F 82 -12.28 -9.59 1.55
N GLU F 83 -13.54 -10.03 1.61
CA GLU F 83 -14.65 -9.33 0.96
C GLU F 83 -15.25 -8.22 1.78
N LEU F 84 -15.25 -8.37 3.09
CA LEU F 84 -15.84 -7.39 4.01
C LEU F 84 -14.83 -6.75 4.91
N PHE F 85 -15.10 -5.50 5.30
CA PHE F 85 -14.28 -4.76 6.21
C PHE F 85 -15.12 -4.20 7.36
N VAL F 86 -14.71 -4.50 8.59
CA VAL F 86 -15.35 -4.03 9.80
C VAL F 86 -14.23 -3.45 10.66
N PRO F 87 -14.22 -2.13 10.97
CA PRO F 87 -13.20 -1.63 11.90
C PRO F 87 -13.63 -1.88 13.34
N SER F 88 -12.66 -2.15 14.19
CA SER F 88 -12.92 -2.24 15.61
C SER F 88 -12.57 -0.82 16.14
N LEU F 89 -12.33 -0.68 17.46
CA LEU F 89 -11.90 0.58 18.04
C LEU F 89 -10.39 0.70 17.79
N ASN F 90 -9.96 1.95 17.60
CA ASN F 90 -8.56 2.30 17.46
C ASN F 90 -7.89 2.00 18.83
N VAL F 91 -6.70 1.40 18.80
CA VAL F 91 -5.89 1.08 19.98
C VAL F 91 -4.99 2.31 20.13
N ASP F 92 -5.12 3.04 21.25
CA ASP F 92 -4.31 4.23 21.54
C ASP F 92 -4.26 5.23 20.34
N GLY F 93 -5.44 5.58 19.81
CA GLY F 93 -5.57 6.54 18.70
C GLY F 93 -5.20 6.08 17.29
N GLN F 94 -4.38 5.02 17.13
CA GLN F 94 -3.91 4.45 15.85
C GLN F 94 -5.05 4.22 14.81
N PRO F 95 -4.97 4.77 13.57
CA PRO F 95 -6.01 4.46 12.56
C PRO F 95 -5.96 3.00 12.13
N ILE F 96 -7.12 2.45 11.68
CA ILE F 96 -7.25 1.08 11.16
C ILE F 96 -7.02 1.19 9.66
N PHE F 97 -6.13 0.36 9.09
CA PHE F 97 -5.87 0.42 7.65
C PHE F 97 -6.75 -0.57 6.85
N ALA F 98 -7.37 -0.09 5.75
CA ALA F 98 -8.19 -0.84 4.83
C ALA F 98 -7.54 -0.80 3.43
N ASN F 99 -6.78 -1.85 3.10
CA ASN F 99 -6.04 -1.99 1.85
C ASN F 99 -6.90 -2.68 0.77
N ILE F 100 -7.33 -1.90 -0.22
CA ILE F 100 -8.23 -2.32 -1.28
C ILE F 100 -7.43 -2.75 -2.47
N THR F 101 -7.68 -3.97 -2.94
CA THR F 101 -6.94 -4.53 -4.06
C THR F 101 -7.87 -5.32 -4.95
N LEU F 102 -7.37 -5.74 -6.11
CA LEU F 102 -8.10 -6.62 -6.99
C LEU F 102 -8.11 -8.00 -6.37
N PRO F 103 -9.18 -8.79 -6.55
CA PRO F 103 -9.08 -10.22 -6.22
C PRO F 103 -8.33 -10.91 -7.37
N VAL F 104 -8.08 -12.20 -7.22
CA VAL F 104 -7.60 -12.98 -8.35
C VAL F 104 -8.92 -13.52 -8.94
N TYR F 105 -9.44 -12.84 -9.96
CA TYR F 105 -10.68 -13.28 -10.64
C TYR F 105 -10.41 -14.60 -11.35
N THR F 106 -11.46 -15.40 -11.61
CA THR F 106 -11.28 -16.62 -12.42
C THR F 106 -11.02 -16.10 -13.83
N LEU F 107 -10.42 -16.92 -14.70
CA LEU F 107 -10.17 -16.50 -16.07
C LEU F 107 -11.51 -16.24 -16.76
N LYS F 108 -12.52 -17.08 -16.49
CA LYS F 108 -13.87 -16.88 -17.03
C LYS F 108 -14.46 -15.51 -16.63
N GLU F 109 -14.41 -15.16 -15.32
CA GLU F 109 -14.91 -13.86 -14.86
C GLU F 109 -14.17 -12.69 -15.46
N ARG F 110 -12.84 -12.79 -15.55
CA ARG F 110 -12.00 -11.76 -16.14
C ARG F 110 -12.33 -11.53 -17.63
N CYS F 111 -12.56 -12.63 -18.40
CA CYS F 111 -12.95 -12.60 -19.81
C CYS F 111 -14.31 -11.96 -19.96
N LEU F 112 -15.29 -12.34 -19.09
CA LEU F 112 -16.65 -11.74 -19.10
C LEU F 112 -16.55 -10.23 -18.87
N GLN F 113 -15.69 -9.79 -17.93
CA GLN F 113 -15.43 -8.37 -17.60
C GLN F 113 -14.96 -7.62 -18.85
N VAL F 114 -13.93 -8.14 -19.52
CA VAL F 114 -13.36 -7.54 -20.73
C VAL F 114 -14.44 -7.49 -21.86
N VAL F 115 -15.15 -8.59 -22.13
CA VAL F 115 -16.20 -8.62 -23.17
C VAL F 115 -17.29 -7.59 -22.83
N ARG F 116 -17.77 -7.54 -21.56
CA ARG F 116 -18.79 -6.58 -21.13
C ARG F 116 -18.29 -5.12 -21.31
N SER F 117 -16.98 -4.88 -21.21
CA SER F 117 -16.42 -3.53 -21.35
C SER F 117 -16.33 -3.09 -22.81
N LEU F 118 -16.40 -4.05 -23.75
CA LEU F 118 -16.28 -3.83 -25.20
C LEU F 118 -17.59 -3.98 -25.97
N VAL F 119 -18.60 -4.70 -25.41
CA VAL F 119 -19.88 -4.98 -26.10
C VAL F 119 -21.07 -4.48 -25.29
N LYS F 120 -22.02 -3.78 -25.97
CA LYS F 120 -23.24 -3.27 -25.34
C LYS F 120 -24.17 -4.44 -25.00
N PRO F 121 -24.89 -4.42 -23.85
CA PRO F 121 -25.76 -5.56 -23.46
C PRO F 121 -26.75 -6.08 -24.52
N GLU F 122 -27.19 -5.21 -25.41
CA GLU F 122 -28.11 -5.57 -26.50
C GLU F 122 -27.43 -6.47 -27.57
N ASN F 123 -26.09 -6.34 -27.73
CA ASN F 123 -25.31 -7.07 -28.75
C ASN F 123 -24.57 -8.33 -28.27
N TYR F 124 -24.82 -8.79 -27.01
CA TYR F 124 -24.22 -10.00 -26.45
C TYR F 124 -24.62 -11.20 -27.29
N ARG F 125 -25.92 -11.28 -27.62
CA ARG F 125 -26.52 -12.35 -28.41
C ARG F 125 -26.14 -12.29 -29.94
N ARG F 126 -25.22 -11.35 -30.32
CA ARG F 126 -24.70 -11.23 -31.69
C ARG F 126 -23.29 -11.86 -31.76
N LEU F 127 -22.66 -12.09 -30.60
CA LEU F 127 -21.30 -12.65 -30.56
C LEU F 127 -21.27 -14.12 -30.95
N ASP F 128 -20.25 -14.51 -31.75
CA ASP F 128 -20.09 -15.88 -32.25
C ASP F 128 -19.35 -16.74 -31.23
N ILE F 129 -20.07 -17.12 -30.16
CA ILE F 129 -19.56 -17.88 -29.01
C ILE F 129 -20.61 -18.90 -28.55
N VAL F 130 -20.22 -19.86 -27.67
CA VAL F 130 -21.10 -20.87 -27.01
C VAL F 130 -22.31 -20.11 -26.42
N ARG F 131 -23.52 -20.57 -26.74
CA ARG F 131 -24.76 -19.87 -26.39
C ARG F 131 -25.03 -19.72 -24.89
N SER F 132 -24.51 -20.62 -24.04
CA SER F 132 -24.63 -20.54 -22.59
C SER F 132 -23.93 -19.27 -22.02
N LEU F 133 -22.93 -18.77 -22.77
CA LEU F 133 -22.15 -17.57 -22.42
C LEU F 133 -22.94 -16.26 -22.52
N TYR F 134 -24.10 -16.26 -23.21
CA TYR F 134 -24.91 -15.05 -23.31
C TYR F 134 -25.51 -14.70 -21.95
N GLU F 135 -26.01 -15.73 -21.23
CA GLU F 135 -26.59 -15.57 -19.89
C GLU F 135 -25.51 -15.19 -18.87
N ASP F 136 -24.27 -15.70 -19.06
CA ASP F 136 -23.12 -15.40 -18.21
C ASP F 136 -22.76 -13.92 -18.31
N LEU F 137 -22.68 -13.40 -19.55
CA LEU F 137 -22.42 -11.98 -19.82
C LEU F 137 -23.52 -11.10 -19.19
N GLU F 138 -24.81 -11.53 -19.34
CA GLU F 138 -25.97 -10.83 -18.78
C GLU F 138 -26.03 -10.87 -17.25
N ASP F 139 -25.37 -11.84 -16.61
CA ASP F 139 -25.37 -11.99 -15.15
C ASP F 139 -24.30 -11.04 -14.55
N HIS F 140 -24.57 -9.72 -14.65
CA HIS F 140 -23.67 -8.67 -14.19
C HIS F 140 -23.35 -8.74 -12.70
N PRO F 141 -22.15 -8.28 -12.25
CA PRO F 141 -21.83 -8.29 -10.81
C PRO F 141 -22.85 -7.44 -10.04
N ASN F 142 -23.38 -8.03 -8.94
CA ASN F 142 -24.47 -7.50 -8.12
C ASN F 142 -24.11 -7.53 -6.63
N VAL F 143 -24.30 -6.40 -5.91
CA VAL F 143 -23.95 -6.28 -4.49
C VAL F 143 -24.88 -7.18 -3.62
N GLN F 144 -26.20 -7.14 -3.87
CA GLN F 144 -27.15 -7.95 -3.09
C GLN F 144 -26.95 -9.48 -3.23
N LYS F 145 -26.49 -9.92 -4.42
CA LYS F 145 -26.19 -11.31 -4.76
C LYS F 145 -25.01 -11.79 -3.90
N ASP F 146 -23.94 -10.99 -3.89
CA ASP F 146 -22.73 -11.28 -3.12
C ASP F 146 -23.01 -11.20 -1.62
N LEU F 147 -23.90 -10.27 -1.21
CA LEU F 147 -24.28 -10.14 0.19
C LEU F 147 -25.03 -11.37 0.68
N GLU F 148 -25.96 -11.90 -0.16
CA GLU F 148 -26.71 -13.13 0.15
C GLU F 148 -25.76 -14.32 0.19
N ARG F 149 -24.83 -14.42 -0.79
CA ARG F 149 -23.79 -15.45 -0.82
C ARG F 149 -22.96 -15.40 0.48
N LEU F 150 -22.48 -14.20 0.88
CA LEU F 150 -21.72 -13.98 2.12
C LEU F 150 -22.54 -14.28 3.40
N THR F 151 -23.86 -14.00 3.36
CA THR F 151 -24.80 -14.29 4.46
C THR F 151 -24.88 -15.82 4.61
N GLN F 152 -25.15 -16.52 3.48
CA GLN F 152 -25.25 -17.97 3.34
C GLN F 152 -23.89 -18.67 3.56
N GLU F 153 -22.79 -17.88 3.60
CA GLU F 153 -21.42 -18.35 3.84
C GLU F 153 -21.11 -18.31 5.33
N ARG F 154 -21.50 -17.20 6.02
CA ARG F 154 -21.28 -17.00 7.46
C ARG F 154 -22.02 -18.04 8.31
N ILE F 155 -23.25 -18.40 7.89
CA ILE F 155 -24.08 -19.40 8.57
C ILE F 155 -23.53 -20.82 8.36
N ALA F 156 -22.88 -21.08 7.19
CA ALA F 156 -22.27 -22.37 6.85
C ALA F 156 -21.05 -22.68 7.75
N HIS F 157 -20.39 -21.64 8.27
CA HIS F 157 -19.23 -21.72 9.18
C HIS F 157 -19.66 -22.03 10.63
N GLN F 158 -20.87 -21.55 11.02
CA GLN F 158 -21.45 -21.77 12.36
C GLN F 158 -21.92 -23.21 12.52
N MET G 1 10.17 -32.07 -9.58
CA MET G 1 9.14 -31.16 -10.07
C MET G 1 8.31 -31.83 -11.16
N MET G 2 6.98 -31.85 -11.01
CA MET G 2 6.11 -32.48 -11.99
C MET G 2 5.58 -31.46 -12.98
N TYR G 3 5.72 -31.78 -14.25
CA TYR G 3 5.25 -30.95 -15.34
C TYR G 3 4.25 -31.74 -16.17
N VAL G 4 3.34 -31.00 -16.82
CA VAL G 4 2.36 -31.55 -17.76
C VAL G 4 2.57 -30.84 -19.12
N LYS G 5 2.21 -31.52 -20.19
CA LYS G 5 2.28 -31.01 -21.55
C LYS G 5 0.85 -30.82 -22.05
N LEU G 6 0.58 -29.61 -22.54
CA LEU G 6 -0.71 -29.19 -23.06
C LEU G 6 -0.52 -28.86 -24.51
N ILE G 7 -1.25 -29.56 -25.37
CA ILE G 7 -1.09 -29.38 -26.80
C ILE G 7 -2.28 -28.66 -27.38
N SER G 8 -2.00 -27.57 -28.11
CA SER G 8 -3.01 -26.78 -28.81
C SER G 8 -3.45 -27.50 -30.08
N SER G 9 -4.55 -27.03 -30.69
CA SER G 9 -5.12 -27.58 -31.92
C SER G 9 -4.13 -27.51 -33.09
N ASP G 10 -3.27 -26.46 -33.11
CA ASP G 10 -2.25 -26.27 -34.14
C ASP G 10 -0.89 -26.94 -33.80
N GLY G 11 -0.88 -27.81 -32.79
CA GLY G 11 0.30 -28.58 -32.42
C GLY G 11 1.38 -27.92 -31.58
N HIS G 12 1.10 -26.76 -30.98
CA HIS G 12 2.09 -26.17 -30.09
C HIS G 12 2.03 -26.92 -28.76
N GLU G 13 3.20 -27.22 -28.19
CA GLU G 13 3.30 -27.93 -26.94
C GLU G 13 3.73 -26.94 -25.85
N PHE G 14 2.91 -26.87 -24.78
CA PHE G 14 3.17 -26.01 -23.64
C PHE G 14 3.46 -26.90 -22.46
N ILE G 15 4.63 -26.72 -21.85
CA ILE G 15 5.07 -27.50 -20.70
C ILE G 15 4.94 -26.57 -19.50
N VAL G 16 4.05 -26.95 -18.59
CA VAL G 16 3.71 -26.19 -17.38
C VAL G 16 3.73 -27.10 -16.18
N LYS G 17 3.98 -26.55 -14.98
CA LYS G 17 3.96 -27.32 -13.74
C LYS G 17 2.58 -27.93 -13.58
N ARG G 18 2.54 -29.20 -13.15
CA ARG G 18 1.30 -29.94 -12.90
C ARG G 18 0.34 -29.14 -11.99
N GLU G 19 0.87 -28.57 -10.88
CA GLU G 19 0.16 -27.74 -9.91
C GLU G 19 -0.51 -26.52 -10.59
N HIS G 20 0.16 -25.91 -11.57
CA HIS G 20 -0.34 -24.74 -12.30
C HIS G 20 -1.51 -25.13 -13.22
N ALA G 21 -1.35 -26.23 -13.96
CA ALA G 21 -2.37 -26.79 -14.85
C ALA G 21 -3.65 -27.21 -14.09
N LEU G 22 -3.51 -27.68 -12.81
CA LEU G 22 -4.60 -28.12 -11.94
C LEU G 22 -5.56 -27.00 -11.54
N THR G 23 -5.25 -25.73 -11.92
CA THR G 23 -6.08 -24.51 -11.76
C THR G 23 -7.36 -24.72 -12.58
N SER G 24 -7.24 -25.45 -13.71
CA SER G 24 -8.36 -25.78 -14.58
C SER G 24 -9.06 -27.04 -14.06
N GLY G 25 -10.36 -26.93 -13.80
CA GLY G 25 -11.20 -28.04 -13.33
C GLY G 25 -11.27 -29.16 -14.36
N THR G 26 -11.32 -28.79 -15.65
CA THR G 26 -11.34 -29.71 -16.79
C THR G 26 -10.04 -30.50 -16.85
N ILE G 27 -8.87 -29.82 -16.78
CA ILE G 27 -7.54 -30.46 -16.79
C ILE G 27 -7.40 -31.37 -15.56
N LYS G 28 -7.79 -30.89 -14.36
CA LYS G 28 -7.76 -31.62 -13.09
C LYS G 28 -8.48 -32.96 -13.24
N ALA G 29 -9.68 -32.94 -13.85
CA ALA G 29 -10.52 -34.12 -14.13
C ALA G 29 -9.85 -35.07 -15.13
N MET G 30 -9.20 -34.53 -16.17
CA MET G 30 -8.49 -35.28 -17.21
C MET G 30 -7.22 -35.96 -16.70
N LEU G 31 -6.47 -35.30 -15.80
CA LEU G 31 -5.22 -35.83 -15.24
C LEU G 31 -5.47 -36.89 -14.16
N SER G 32 -6.72 -36.93 -13.63
CA SER G 32 -7.18 -37.89 -12.62
C SER G 32 -8.54 -38.47 -13.03
N THR G 42 -1.36 -39.45 -18.35
CA THR G 42 -1.56 -38.77 -17.06
C THR G 42 -0.65 -37.51 -16.95
N ASN G 43 0.19 -37.26 -17.97
CA ASN G 43 1.10 -36.12 -18.06
C ASN G 43 0.86 -35.25 -19.31
N GLU G 44 -0.07 -35.68 -20.19
CA GLU G 44 -0.32 -35.00 -21.48
C GLU G 44 -1.79 -34.80 -21.80
N VAL G 45 -2.19 -33.58 -22.20
CA VAL G 45 -3.58 -33.24 -22.59
C VAL G 45 -3.55 -32.56 -23.98
N ASN G 46 -4.41 -33.02 -24.91
CA ASN G 46 -4.52 -32.42 -26.23
C ASN G 46 -5.87 -31.70 -26.38
N PHE G 47 -5.84 -30.42 -26.75
CA PHE G 47 -7.04 -29.63 -26.95
C PHE G 47 -7.18 -29.39 -28.44
N ARG G 48 -7.99 -30.21 -29.07
CA ARG G 48 -8.26 -30.16 -30.50
C ARG G 48 -9.06 -28.90 -30.92
N GLU G 49 -9.57 -28.12 -29.94
CA GLU G 49 -10.35 -26.90 -30.20
C GLU G 49 -9.77 -25.60 -29.58
N ILE G 50 -8.53 -25.67 -29.02
CA ILE G 50 -7.89 -24.48 -28.45
C ILE G 50 -6.60 -24.13 -29.24
N PRO G 51 -6.60 -23.01 -30.01
CA PRO G 51 -5.36 -22.63 -30.74
C PRO G 51 -4.26 -22.10 -29.79
N SER G 52 -2.98 -22.13 -30.25
CA SER G 52 -1.77 -21.73 -29.49
C SER G 52 -1.79 -20.32 -28.93
N HIS G 53 -2.40 -19.33 -29.64
CA HIS G 53 -2.49 -17.95 -29.13
C HIS G 53 -3.38 -17.87 -27.89
N VAL G 54 -4.38 -18.75 -27.84
CA VAL G 54 -5.29 -18.82 -26.70
C VAL G 54 -4.68 -19.69 -25.57
N LEU G 55 -4.15 -20.88 -25.90
CA LEU G 55 -3.56 -21.79 -24.93
C LEU G 55 -2.36 -21.16 -24.20
N SER G 56 -1.51 -20.39 -24.91
CA SER G 56 -0.36 -19.73 -24.26
C SER G 56 -0.88 -18.75 -23.21
N LYS G 57 -1.93 -18.02 -23.55
CA LYS G 57 -2.60 -17.05 -22.70
C LYS G 57 -3.23 -17.71 -21.46
N VAL G 58 -3.83 -18.90 -21.61
CA VAL G 58 -4.41 -19.71 -20.51
C VAL G 58 -3.28 -20.12 -19.53
N CYS G 59 -2.09 -20.54 -20.06
CA CYS G 59 -0.93 -20.91 -19.24
C CYS G 59 -0.43 -19.72 -18.45
N MET G 60 -0.47 -18.50 -19.06
CA MET G 60 -0.06 -17.27 -18.37
C MET G 60 -1.02 -17.03 -17.21
N TYR G 61 -2.34 -17.33 -17.41
CA TYR G 61 -3.35 -17.20 -16.36
C TYR G 61 -3.06 -18.16 -15.21
N PHE G 62 -2.65 -19.40 -15.52
CA PHE G 62 -2.31 -20.39 -14.50
C PHE G 62 -1.16 -19.88 -13.64
N THR G 63 -0.14 -19.25 -14.26
CA THR G 63 1.02 -18.71 -13.55
C THR G 63 0.60 -17.56 -12.63
N TYR G 64 -0.23 -16.65 -13.16
CA TYR G 64 -0.79 -15.48 -12.48
C TYR G 64 -1.64 -15.92 -11.28
N LYS G 65 -2.53 -16.91 -11.48
CA LYS G 65 -3.42 -17.43 -10.44
C LYS G 65 -2.61 -17.99 -9.26
N VAL G 66 -1.67 -18.90 -9.52
CA VAL G 66 -0.85 -19.53 -8.48
C VAL G 66 0.03 -18.49 -7.77
N ARG G 67 0.59 -17.52 -8.51
CA ARG G 67 1.45 -16.48 -7.94
C ARG G 67 0.69 -15.53 -7.01
N TYR G 68 -0.50 -15.10 -7.43
CA TYR G 68 -1.22 -14.08 -6.70
C TYR G 68 -2.34 -14.55 -5.79
N THR G 69 -2.80 -15.83 -5.88
CA THR G 69 -3.86 -16.36 -5.02
C THR G 69 -3.33 -16.40 -3.59
N ASN G 70 -4.09 -15.80 -2.64
CA ASN G 70 -3.74 -15.68 -1.23
C ASN G 70 -2.37 -14.97 -1.02
N SER G 71 -2.03 -14.01 -1.89
CA SER G 71 -0.76 -13.28 -1.73
C SER G 71 -1.01 -11.92 -1.04
N SER G 72 0.06 -11.34 -0.41
CA SER G 72 0.06 -10.02 0.28
C SER G 72 0.68 -8.95 -0.64
N THR G 73 1.40 -9.43 -1.68
CA THR G 73 1.98 -8.66 -2.79
C THR G 73 0.77 -8.10 -3.53
N GLU G 74 0.77 -6.77 -3.82
CA GLU G 74 -0.31 -6.08 -4.54
C GLU G 74 -0.59 -6.85 -5.83
N ILE G 75 -1.86 -6.98 -6.20
CA ILE G 75 -2.27 -7.80 -7.35
C ILE G 75 -2.43 -6.94 -8.60
N PRO G 76 -1.68 -7.26 -9.70
CA PRO G 76 -1.86 -6.51 -10.95
C PRO G 76 -3.07 -7.08 -11.70
N GLU G 77 -3.58 -6.34 -12.69
CA GLU G 77 -4.69 -6.80 -13.52
C GLU G 77 -4.24 -7.93 -14.44
N PHE G 78 -5.11 -8.90 -14.77
CA PHE G 78 -4.74 -9.91 -15.77
C PHE G 78 -5.16 -9.28 -17.13
N PRO G 79 -4.19 -8.88 -17.98
CA PRO G 79 -4.57 -8.19 -19.23
C PRO G 79 -5.07 -9.13 -20.33
N ILE G 80 -6.09 -8.70 -21.08
CA ILE G 80 -6.66 -9.48 -22.18
C ILE G 80 -6.88 -8.51 -23.33
N ALA G 81 -6.20 -8.74 -24.46
CA ALA G 81 -6.36 -7.90 -25.68
C ALA G 81 -7.78 -8.10 -26.23
N PRO G 82 -8.45 -7.07 -26.79
CA PRO G 82 -9.80 -7.27 -27.32
C PRO G 82 -9.92 -8.39 -28.38
N GLU G 83 -8.89 -8.54 -29.22
CA GLU G 83 -8.85 -9.54 -30.32
C GLU G 83 -8.88 -11.00 -29.84
N ILE G 84 -8.41 -11.28 -28.61
CA ILE G 84 -8.37 -12.64 -28.06
C ILE G 84 -9.54 -12.95 -27.11
N ALA G 85 -10.25 -11.91 -26.65
CA ALA G 85 -11.29 -11.98 -25.62
C ALA G 85 -12.34 -13.09 -25.80
N LEU G 86 -12.99 -13.20 -26.97
CA LEU G 86 -14.03 -14.22 -27.21
C LEU G 86 -13.49 -15.65 -27.16
N GLU G 87 -12.38 -15.91 -27.82
CA GLU G 87 -11.74 -17.24 -27.82
C GLU G 87 -11.26 -17.59 -26.43
N LEU G 88 -10.70 -16.63 -25.70
CA LEU G 88 -10.22 -16.85 -24.34
C LEU G 88 -11.37 -17.14 -23.39
N LEU G 89 -12.52 -16.44 -23.56
CA LEU G 89 -13.76 -16.65 -22.80
C LEU G 89 -14.27 -18.09 -23.01
N MET G 90 -14.31 -18.54 -24.29
CA MET G 90 -14.71 -19.90 -24.67
C MET G 90 -13.76 -20.95 -24.08
N ALA G 91 -12.44 -20.69 -24.08
CA ALA G 91 -11.46 -21.61 -23.50
C ALA G 91 -11.62 -21.72 -21.97
N ALA G 92 -11.78 -20.57 -21.26
CA ALA G 92 -11.99 -20.52 -19.81
C ALA G 92 -13.27 -21.21 -19.39
N ASN G 93 -14.32 -21.08 -20.19
CA ASN G 93 -15.61 -21.73 -19.96
C ASN G 93 -15.45 -23.25 -20.06
N PHE G 94 -14.80 -23.73 -21.14
CA PHE G 94 -14.51 -25.15 -21.38
C PHE G 94 -13.58 -25.70 -20.29
N LEU G 95 -12.55 -24.93 -19.92
CA LEU G 95 -11.54 -25.36 -18.95
C LEU G 95 -11.94 -25.28 -17.50
N ASP G 96 -13.05 -24.58 -17.18
CA ASP G 96 -13.52 -24.36 -15.80
C ASP G 96 -12.37 -23.76 -14.91
N CYS G 97 -11.87 -22.58 -15.33
CA CYS G 97 -10.83 -21.85 -14.59
C CYS G 97 -11.08 -20.33 -14.59
N MET H 1 13.99 -11.71 -6.12
CA MET H 1 12.66 -11.66 -6.71
C MET H 1 12.57 -12.66 -7.85
N ASP H 2 11.35 -13.14 -8.12
CA ASP H 2 11.09 -14.09 -9.19
C ASP H 2 10.86 -13.42 -10.54
N VAL H 3 11.31 -14.10 -11.60
CA VAL H 3 11.13 -13.69 -12.98
C VAL H 3 10.39 -14.86 -13.63
N PHE H 4 9.43 -14.54 -14.49
CA PHE H 4 8.53 -15.49 -15.12
C PHE H 4 8.83 -15.50 -16.60
N LEU H 5 9.14 -16.70 -17.08
CA LEU H 5 9.64 -16.90 -18.43
C LEU H 5 8.88 -17.89 -19.25
N MET H 6 9.04 -17.76 -20.58
CA MET H 6 8.60 -18.75 -21.59
C MET H 6 9.89 -19.14 -22.29
N ILE H 7 10.33 -20.40 -22.15
CA ILE H 7 11.51 -20.91 -22.84
C ILE H 7 11.01 -21.58 -24.12
N ARG H 8 11.33 -20.98 -25.27
CA ARG H 8 10.76 -21.39 -26.54
C ARG H 8 11.75 -21.92 -27.56
N ARG H 9 11.40 -23.04 -28.16
CA ARG H 9 12.17 -23.67 -29.22
C ARG H 9 11.20 -24.42 -30.12
N HIS H 10 11.20 -24.07 -31.43
CA HIS H 10 10.33 -24.69 -32.45
C HIS H 10 8.86 -24.52 -32.02
N LYS H 11 8.14 -25.64 -31.78
CA LYS H 11 6.75 -25.62 -31.30
C LYS H 11 6.62 -26.04 -29.83
N THR H 12 7.70 -25.82 -29.04
CA THR H 12 7.76 -26.14 -27.61
C THR H 12 7.92 -24.84 -26.83
N THR H 13 7.06 -24.66 -25.82
CA THR H 13 7.13 -23.53 -24.89
C THR H 13 7.10 -24.10 -23.49
N ILE H 14 8.15 -23.81 -22.71
CA ILE H 14 8.20 -24.18 -21.28
C ILE H 14 7.84 -22.93 -20.50
N PHE H 15 6.85 -23.03 -19.58
CA PHE H 15 6.52 -21.97 -18.66
C PHE H 15 7.26 -22.25 -17.36
N THR H 16 8.14 -21.34 -16.97
CA THR H 16 8.89 -21.50 -15.72
C THR H 16 9.19 -20.15 -15.08
N ASP H 17 9.57 -20.20 -13.81
CA ASP H 17 10.01 -19.06 -13.02
C ASP H 17 11.39 -19.40 -12.44
N ALA H 18 12.18 -18.38 -12.13
CA ALA H 18 13.49 -18.52 -11.51
C ALA H 18 13.73 -17.21 -10.78
N LYS H 19 14.78 -17.15 -9.95
CA LYS H 19 15.09 -15.89 -9.24
C LYS H 19 15.88 -14.98 -10.18
N GLU H 20 15.77 -13.66 -10.01
CA GLU H 20 16.53 -12.65 -10.75
C GLU H 20 18.04 -12.90 -10.58
N SER H 21 18.44 -13.36 -9.37
CA SER H 21 19.83 -13.63 -8.99
C SER H 21 20.35 -15.01 -9.49
N SER H 22 19.45 -15.87 -9.99
CA SER H 22 19.88 -17.17 -10.52
C SER H 22 20.51 -16.98 -11.89
N THR H 23 21.39 -17.92 -12.27
CA THR H 23 22.16 -17.81 -13.50
C THR H 23 21.51 -18.46 -14.70
N VAL H 24 22.04 -18.13 -15.89
CA VAL H 24 21.68 -18.70 -17.19
C VAL H 24 21.94 -20.22 -17.14
N PHE H 25 23.09 -20.63 -16.55
CA PHE H 25 23.45 -22.04 -16.39
C PHE H 25 22.40 -22.83 -15.60
N GLU H 26 21.92 -22.28 -14.47
CA GLU H 26 20.87 -22.89 -13.62
C GLU H 26 19.55 -23.02 -14.42
N LEU H 27 19.29 -22.10 -15.36
CA LEU H 27 18.11 -22.12 -16.22
C LEU H 27 18.29 -23.27 -17.21
N LYS H 28 19.53 -23.50 -17.68
CA LYS H 28 19.86 -24.62 -18.58
C LYS H 28 19.64 -25.98 -17.85
N ARG H 29 19.96 -26.03 -16.52
CA ARG H 29 19.73 -27.18 -15.65
C ARG H 29 18.21 -27.45 -15.50
N ILE H 30 17.37 -26.40 -15.42
CA ILE H 30 15.91 -26.56 -15.40
C ILE H 30 15.45 -27.20 -16.73
N VAL H 31 15.93 -26.70 -17.87
CA VAL H 31 15.56 -27.21 -19.22
C VAL H 31 16.02 -28.66 -19.36
N GLU H 32 17.19 -28.98 -18.81
CA GLU H 32 17.74 -30.35 -18.78
C GLU H 32 16.80 -31.33 -18.08
N GLY H 33 16.28 -30.97 -16.92
CA GLY H 33 15.38 -31.85 -16.18
C GLY H 33 14.06 -32.09 -16.91
N ILE H 34 13.65 -31.15 -17.77
CA ILE H 34 12.38 -31.26 -18.51
C ILE H 34 12.56 -31.97 -19.87
N LEU H 35 13.54 -31.48 -20.66
CA LEU H 35 13.76 -31.91 -22.04
C LEU H 35 14.89 -32.90 -22.23
N LYS H 36 15.65 -33.19 -21.15
CA LYS H 36 16.71 -34.19 -21.09
C LYS H 36 17.85 -33.92 -22.06
N ARG H 37 18.27 -32.67 -22.14
CA ARG H 37 19.42 -32.23 -22.95
C ARG H 37 20.34 -31.51 -21.99
N PRO H 38 21.62 -31.89 -21.87
CA PRO H 38 22.49 -31.22 -20.89
C PRO H 38 22.77 -29.76 -21.26
N PRO H 39 23.21 -28.90 -20.30
CA PRO H 39 23.49 -27.49 -20.63
C PRO H 39 24.40 -27.26 -21.83
N ASP H 40 25.43 -28.15 -22.06
CA ASP H 40 26.36 -27.97 -23.19
C ASP H 40 25.70 -28.26 -24.55
N GLU H 41 24.47 -28.78 -24.55
CA GLU H 41 23.71 -28.99 -25.78
C GLU H 41 22.67 -27.89 -25.99
N GLN H 42 22.72 -26.84 -25.15
CA GLN H 42 21.76 -25.73 -25.20
C GLN H 42 22.41 -24.38 -25.40
N ARG H 43 21.79 -23.52 -26.22
CA ARG H 43 22.12 -22.11 -26.37
C ARG H 43 20.84 -21.36 -26.01
N LEU H 44 20.90 -20.41 -25.06
CA LEU H 44 19.77 -19.58 -24.63
C LEU H 44 19.95 -18.15 -25.16
N TYR H 45 18.86 -17.51 -25.58
CA TYR H 45 18.89 -16.18 -26.16
C TYR H 45 17.84 -15.27 -25.61
N LYS H 46 18.12 -13.99 -25.61
CA LYS H 46 17.18 -12.93 -25.31
C LYS H 46 17.31 -12.03 -26.50
N ASP H 47 16.25 -11.96 -27.29
CA ASP H 47 16.16 -11.13 -28.51
C ASP H 47 17.41 -11.17 -29.46
N ASP H 48 17.69 -12.38 -29.99
CA ASP H 48 18.78 -12.79 -30.90
C ASP H 48 20.19 -12.76 -30.27
N GLN H 49 20.30 -12.36 -28.97
CA GLN H 49 21.61 -12.32 -28.31
C GLN H 49 21.81 -13.49 -27.40
N LEU H 50 22.98 -14.11 -27.54
CA LEU H 50 23.40 -15.27 -26.78
C LEU H 50 23.58 -14.94 -25.30
N LEU H 51 23.02 -15.78 -24.41
CA LEU H 51 23.14 -15.58 -22.97
C LEU H 51 24.30 -16.39 -22.40
N ASP H 52 25.16 -15.71 -21.63
CA ASP H 52 26.35 -16.30 -21.02
C ASP H 52 26.00 -17.03 -19.75
N ASP H 53 26.48 -18.26 -19.61
CA ASP H 53 26.25 -19.16 -18.47
C ASP H 53 26.39 -18.54 -17.07
N GLY H 54 27.45 -17.77 -16.87
CA GLY H 54 27.75 -17.16 -15.57
C GLY H 54 26.93 -15.95 -15.19
N LYS H 55 26.16 -15.41 -16.13
CA LYS H 55 25.35 -14.23 -15.88
C LYS H 55 24.07 -14.56 -15.16
N THR H 56 23.62 -13.66 -14.27
CA THR H 56 22.34 -13.81 -13.60
C THR H 56 21.23 -13.43 -14.58
N LEU H 57 20.00 -13.88 -14.35
CA LEU H 57 18.85 -13.52 -15.19
C LEU H 57 18.58 -12.02 -15.19
N GLY H 58 18.83 -11.36 -14.06
CA GLY H 58 18.72 -9.91 -13.89
C GLY H 58 19.72 -9.14 -14.74
N GLU H 59 20.97 -9.64 -14.82
CA GLU H 59 22.05 -9.08 -15.64
C GLU H 59 21.74 -9.26 -17.14
N CYS H 60 20.89 -10.25 -17.50
CA CYS H 60 20.44 -10.48 -18.88
C CYS H 60 19.29 -9.56 -19.26
N GLY H 61 18.65 -8.93 -18.27
CA GLY H 61 17.53 -8.02 -18.48
C GLY H 61 16.20 -8.61 -18.10
N PHE H 62 16.20 -9.76 -17.42
CA PHE H 62 14.96 -10.38 -16.94
C PHE H 62 14.72 -9.94 -15.50
N THR H 63 13.78 -8.99 -15.32
CA THR H 63 13.43 -8.40 -14.02
C THR H 63 11.96 -8.61 -13.76
N SER H 64 11.51 -8.32 -12.53
CA SER H 64 10.11 -8.42 -12.12
C SER H 64 9.14 -7.55 -12.95
N GLN H 65 9.67 -6.51 -13.60
CA GLN H 65 8.92 -5.56 -14.41
C GLN H 65 8.82 -5.97 -15.87
N THR H 66 9.76 -6.78 -16.36
CA THR H 66 9.81 -7.23 -17.76
C THR H 66 9.46 -8.73 -17.96
N ALA H 67 9.38 -9.49 -16.84
CA ALA H 67 9.17 -10.92 -16.81
C ALA H 67 8.14 -11.24 -15.70
N ARG H 68 6.87 -10.93 -15.99
CA ARG H 68 5.73 -11.01 -15.06
C ARG H 68 4.93 -12.30 -15.18
N PRO H 69 4.21 -12.77 -14.11
CA PRO H 69 3.45 -14.04 -14.26
C PRO H 69 2.46 -14.00 -15.44
N GLN H 70 1.74 -12.85 -15.59
CA GLN H 70 0.72 -12.57 -16.60
C GLN H 70 1.28 -12.13 -17.96
N ALA H 71 2.59 -11.83 -18.01
CA ALA H 71 3.27 -11.36 -19.22
C ALA H 71 4.73 -11.83 -19.14
N PRO H 72 4.99 -13.16 -19.25
CA PRO H 72 6.38 -13.64 -19.13
C PRO H 72 7.31 -13.21 -20.26
N ALA H 73 8.62 -13.15 -19.97
CA ALA H 73 9.63 -12.82 -20.97
C ALA H 73 9.99 -14.12 -21.73
N THR H 74 10.31 -13.98 -23.02
CA THR H 74 10.69 -15.11 -23.88
C THR H 74 12.21 -15.32 -23.84
N VAL H 75 12.60 -16.57 -23.63
CA VAL H 75 13.97 -17.02 -23.69
C VAL H 75 13.99 -17.97 -24.90
N GLY H 76 14.76 -17.62 -25.92
CA GLY H 76 14.92 -18.46 -27.11
C GLY H 76 15.86 -19.61 -26.79
N LEU H 77 15.58 -20.81 -27.34
CA LEU H 77 16.39 -21.99 -27.07
C LEU H 77 16.74 -22.74 -28.36
N ALA H 78 18.03 -23.08 -28.53
CA ALA H 78 18.52 -23.88 -29.66
C ALA H 78 19.31 -25.05 -29.13
N PHE H 79 19.13 -26.24 -29.73
CA PHE H 79 19.84 -27.45 -29.32
C PHE H 79 20.98 -27.81 -30.24
N ARG H 80 21.89 -28.62 -29.75
CA ARG H 80 22.99 -29.13 -30.55
C ARG H 80 22.58 -30.51 -31.11
N ALA H 81 22.92 -30.76 -32.37
CA ALA H 81 22.67 -32.04 -33.01
C ALA H 81 23.89 -32.34 -33.86
N ASP H 82 24.53 -33.51 -33.68
CA ASP H 82 25.74 -33.91 -34.45
C ASP H 82 26.88 -32.86 -34.30
N ASP H 83 27.05 -32.35 -33.05
CA ASP H 83 28.04 -31.35 -32.61
C ASP H 83 27.90 -29.97 -33.21
N THR H 84 26.75 -29.69 -33.84
CA THR H 84 26.45 -28.41 -34.45
C THR H 84 25.14 -27.88 -33.88
N PHE H 85 25.13 -26.62 -33.45
CA PHE H 85 23.89 -26.02 -32.98
C PHE H 85 23.03 -25.62 -34.18
N GLU H 86 21.75 -25.99 -34.14
CA GLU H 86 20.74 -25.64 -35.13
C GLU H 86 20.56 -24.10 -35.04
N ALA H 87 20.03 -23.48 -36.11
CA ALA H 87 19.70 -22.05 -36.07
C ALA H 87 18.55 -21.89 -35.07
N LEU H 88 18.53 -20.76 -34.33
CA LEU H 88 17.43 -20.49 -33.40
C LEU H 88 16.14 -20.32 -34.22
N CYS H 89 15.14 -21.12 -33.90
CA CYS H 89 13.88 -21.15 -34.61
C CYS H 89 12.76 -21.26 -33.59
N ILE H 90 11.87 -20.28 -33.59
CA ILE H 90 10.73 -20.24 -32.68
C ILE H 90 9.50 -20.12 -33.56
N GLU H 91 8.67 -21.17 -33.62
CA GLU H 91 7.46 -21.15 -34.43
C GLU H 91 6.45 -20.18 -33.82
N PRO H 92 5.92 -19.17 -34.58
CA PRO H 92 4.97 -18.23 -33.96
C PRO H 92 3.66 -18.91 -33.59
N PHE H 93 2.96 -18.34 -32.61
CA PHE H 93 1.66 -18.84 -32.20
C PHE H 93 0.66 -18.48 -33.31
N SER H 94 -0.55 -19.05 -33.26
CA SER H 94 -1.62 -18.74 -34.22
C SER H 94 -2.05 -17.28 -34.03
N SER H 95 -2.88 -16.78 -34.94
CA SER H 95 -3.36 -15.40 -34.93
C SER H 95 -4.85 -15.36 -34.63
N PRO H 96 -5.30 -14.40 -33.78
CA PRO H 96 -6.75 -14.28 -33.54
C PRO H 96 -7.48 -13.85 -34.81
N PRO H 97 -8.82 -14.06 -34.89
CA PRO H 97 -9.55 -13.57 -36.08
C PRO H 97 -9.61 -12.04 -36.06
N GLU H 98 -10.19 -11.45 -37.10
CA GLU H 98 -10.39 -10.00 -37.16
C GLU H 98 -11.38 -9.63 -36.05
N LEU H 99 -11.13 -8.51 -35.36
CA LEU H 99 -12.00 -8.04 -34.29
C LEU H 99 -13.43 -7.75 -34.88
N PRO H 100 -14.50 -8.41 -34.36
CA PRO H 100 -15.84 -8.20 -34.92
C PRO H 100 -16.38 -6.78 -34.69
N ASP H 101 -17.28 -6.33 -35.60
CA ASP H 101 -17.91 -5.01 -35.60
C ASP H 101 -18.51 -4.60 -34.25
N VAL H 102 -19.20 -5.53 -33.56
CA VAL H 102 -19.82 -5.29 -32.25
C VAL H 102 -18.78 -5.03 -31.11
N MET H 103 -17.46 -5.16 -31.39
CA MET H 103 -16.38 -4.95 -30.42
C MET H 103 -15.57 -3.70 -30.72
N1 FX8 I . 4.55 -16.07 20.89
C4 FX8 I . 5.39 -15.01 18.91
C5 FX8 I . 8.06 -14.62 20.28
C6 FX8 I . 7.28 -16.97 20.56
C7 FX8 I . 7.06 -15.36 22.43
C10 FX8 I . 5.17 -13.68 16.88
C13 FX8 I . 5.65 -12.49 18.95
C15 FX8 I . 6.14 -14.48 16.03
C20 FX8 I . 8.09 -14.89 11.96
C21 FX8 I . 8.52 -14.04 10.96
C22 FX8 I . 7.85 -12.83 10.71
C24 FX8 I . 6.35 -13.33 12.53
C26 FX8 I . 8.53 -12.24 8.28
C28 FX8 I . 8.89 -10.07 8.23
C2 FX8 I . 5.54 -15.11 20.43
C3 FX8 I . 6.98 -15.51 20.91
N8 FX8 I . 5.41 -13.80 18.33
O9 FX8 I . 5.11 -16.00 18.27
C11 FX8 I . 5.32 -12.17 16.61
C12 FX8 I . 5.02 -11.52 17.95
O14 FX8 I . 3.61 -11.40 18.12
O16 FX8 I . 7.28 -14.71 16.42
N17 FX8 I . 5.69 -14.88 14.85
C18 FX8 I . 6.55 -15.50 13.86
C19 FX8 I . 6.99 -14.56 12.75
C23 FX8 I . 6.77 -12.49 11.52
C25 FX8 I . 8.28 -11.96 9.61
N27 FX8 I . 8.88 -11.15 7.51
S29 FX8 I . 8.46 -10.26 9.88
C30 FX8 I . 8.45 -13.57 7.61
C31 FX8 I . 3.57 -15.91 21.78
C32 FX8 I . 2.83 -17.22 22.11
O33 FX8 I . 3.27 -14.83 22.30
F34 FX8 I . 3.16 -18.26 21.21
C35 FX8 I . 2.62 -17.66 23.50
C36 FX8 I . 1.46 -17.26 22.63
O37 FX8 I . 8.72 -16.07 12.32
C38 FX8 I . 9.91 -16.49 11.65
O39 FX8 I . 11.05 -16.13 13.79
C40 FX8 I . 10.99 -14.91 14.51
C41 FX8 I . 12.02 -14.81 15.57
O42 FX8 I . 11.70 -15.61 16.71
C43 FX8 I . 11.11 -15.92 12.37
C44 FX8 I . 12.81 -16.39 17.11
C45 FX8 I . 12.69 -16.82 18.56
N46 FX8 I . 11.71 -17.89 18.83
C47 FX8 I . 11.59 -18.88 17.77
C48 FX8 I . 10.44 -19.83 18.07
N49 FX8 I . 10.60 -20.46 19.37
C50 FX8 I . 10.91 -19.54 20.48
C51 FX8 I . 12.04 -18.58 20.08
C52 FX8 I . 9.77 -21.56 19.67
C53 FX8 I . 10.29 -22.86 19.72
C54 FX8 I . 9.45 -23.93 20.00
N55 FX8 I . 8.14 -23.75 20.25
N56 FX8 I . 7.62 -22.50 20.25
C57 FX8 I . 8.38 -21.43 19.96
N58 FX8 I . 7.71 -20.27 19.97
C59 FX8 I . 9.94 -25.34 20.02
C60 FX8 I . 9.08 -26.42 20.30
C61 FX8 I . 9.59 -27.72 20.40
C62 FX8 I . 10.94 -27.95 20.16
C63 FX8 I . 11.78 -26.91 19.85
C64 FX8 I . 11.29 -25.61 19.79
O65 FX8 I . 7.77 -26.24 20.62
C1 EDO J . 19.03 6.14 2.77
O1 EDO J . 19.44 7.33 3.44
C2 EDO J . 18.00 6.47 1.66
O2 EDO J . 18.43 7.56 0.83
C1 EDO K . 22.55 -0.66 13.22
O1 EDO K . 22.83 0.72 13.01
C2 EDO K . 22.80 -1.45 11.91
O2 EDO K . 22.58 -2.84 12.12
C1 EDO L . 5.23 -16.72 10.38
O1 EDO L . 4.15 -15.85 10.65
C2 EDO L . 6.05 -16.22 9.18
O2 EDO L . 5.17 -15.91 8.11
C FMT M . -9.31 10.12 30.87
O1 FMT M . -9.44 9.93 29.67
O2 FMT M . -8.63 11.25 31.18
C1 EDO N . 18.36 22.66 -7.04
O1 EDO N . 17.67 23.56 -7.87
C2 EDO N . 19.83 23.11 -7.02
O2 EDO N . 20.54 22.33 -6.09
C1 EDO O . -6.62 12.29 3.13
O1 EDO O . -5.47 11.83 3.82
C2 EDO O . -7.77 12.63 4.10
O2 EDO O . -9.03 12.62 3.42
C1 EDO P . 20.33 34.94 6.95
O1 EDO P . 20.60 36.33 7.05
C2 EDO P . 21.49 34.28 6.18
O2 EDO P . 21.34 32.87 6.14
C1 EDO Q . 1.20 43.55 -25.35
O1 EDO Q . 2.25 43.66 -24.41
C2 EDO Q . 0.72 42.10 -25.45
O2 EDO Q . -0.30 42.05 -26.43
C1 EDO R . 14.61 32.05 -27.03
O1 EDO R . 14.01 33.35 -27.09
C2 EDO R . 13.69 31.00 -27.70
O2 EDO R . 14.04 29.69 -27.27
C1 EDO S . 18.43 29.88 -20.48
O1 EDO S . 18.84 31.24 -20.59
C2 EDO S . 17.29 29.59 -21.45
O2 EDO S . 17.69 30.00 -22.75
C1 EDO T . 12.14 21.30 -18.55
O1 EDO T . 12.84 20.41 -19.41
C2 EDO T . 11.65 20.57 -17.29
O2 EDO T . 12.72 20.41 -16.36
C1 EDO U . -7.23 27.41 -21.83
O1 EDO U . -7.82 26.44 -21.03
C2 EDO U . -6.68 26.72 -23.05
O2 EDO U . -6.01 27.66 -23.82
N1 FX8 V . -23.10 7.84 11.46
C4 FX8 V . -21.76 7.83 9.47
C5 FX8 V . -24.26 7.49 7.81
C6 FX8 V . -24.62 9.30 9.48
C7 FX8 V . -25.57 7.04 9.88
C10 FX8 V . -19.70 7.40 8.25
C13 FX8 V . -21.34 5.59 8.35
C15 FX8 V . -19.77 8.64 7.37
C20 FX8 V . -17.69 10.80 4.06
C21 FX8 V . -16.93 10.45 2.97
C22 FX8 V . -16.07 9.35 3.04
C24 FX8 V . -16.85 8.93 5.28
C26 FX8 V . -14.37 9.73 1.13
C28 FX8 V . -14.10 7.81 0.10
C2 FX8 V . -23.09 7.36 10.09
C3 FX8 V . -24.37 7.80 9.30
N8 FX8 V . -21.03 6.97 8.74
O9 FX8 V . -21.35 8.94 9.77
C11 FX8 V . -19.22 6.18 7.45
C12 FX8 V . -19.97 5.00 8.05
O14 FX8 V . -19.33 4.58 9.26
O16 FX8 V . -20.73 8.85 6.65
N17 FX8 V . -18.70 9.43 7.41
C18 FX8 V . -18.49 10.48 6.43
C19 FX8 V . -17.68 10.04 5.23
C23 FX8 V . -16.07 8.58 4.19
C25 FX8 V . -15.24 8.99 1.88
N27 FX8 V . -13.71 9.04 0.12
S29 FX8 V . -15.27 7.37 1.29
C30 FX8 V . -14.01 11.17 1.33
C31 FX8 V . -23.20 7.16 12.60
C32 FX8 V . -23.27 8.05 13.88
O33 FX8 V . -23.25 5.94 12.68
F34 FX8 V . -23.04 9.42 13.61
C35 FX8 V . -24.31 7.79 14.89
C36 FX8 V . -22.86 7.61 15.22
O37 FX8 V . -18.52 11.91 4.11
C38 FX8 V . -18.77 12.67 2.92
O39 FX8 V . -20.57 11.13 2.93
C40 FX8 V . -21.88 10.75 2.57
C41 FX8 V . -22.62 10.36 3.80
O42 FX8 V . -24.01 10.24 3.54
C43 FX8 V . -20.24 12.49 2.70
C44 FX8 V . -24.69 11.47 3.51
C45 FX8 V . -26.08 11.29 4.08
N46 FX8 V . -26.43 12.23 5.17
C47 FX8 V . -25.43 13.30 5.36
C48 FX8 V . -25.89 14.28 6.43
N49 FX8 V . -26.13 13.57 7.68
C50 FX8 V . -27.08 12.47 7.52
C51 FX8 V . -26.61 11.51 6.44
C52 FX8 V . -26.18 14.30 8.89
C53 FX8 V . -26.90 15.50 9.02
C54 FX8 V . -26.92 16.13 10.27
N55 FX8 V . -26.27 15.60 11.33
N56 FX8 V . -25.61 14.43 11.21
C57 FX8 V . -25.57 13.77 10.05
N58 FX8 V . -24.84 12.64 10.03
C59 FX8 V . -27.60 17.42 10.50
C60 FX8 V . -27.62 18.05 11.76
C61 FX8 V . -28.31 19.25 11.94
C62 FX8 V . -28.99 19.83 10.89
C63 FX8 V . -28.99 19.23 9.65
C64 FX8 V . -28.30 18.04 9.44
O65 FX8 V . -27.03 17.51 12.84
C1 EDO W . -5.94 -1.71 -15.91
O1 EDO W . -6.69 -2.42 -14.95
C2 EDO W . -4.53 -2.33 -15.99
O2 EDO W . -3.91 -2.30 -14.71
C1 EDO X . -17.46 -6.37 -15.66
O1 EDO X . -18.55 -7.08 -15.09
C2 EDO X . -17.81 -5.53 -16.88
O2 EDO X . -16.63 -4.93 -17.38
C1 EDO Y . -13.96 11.83 6.03
O1 EDO Y . -14.83 11.07 6.85
C2 EDO Y . -14.72 12.87 5.21
O2 EDO Y . -15.56 13.64 6.06
C1 EDO Z . -17.87 10.69 9.77
O1 EDO Z . -17.80 10.34 11.14
C2 EDO Z . -17.30 12.08 9.35
O2 EDO Z . -18.38 13.04 9.25
N1 EPE AA . -20.57 -21.77 -31.57
C2 EPE AA . -19.36 -21.41 -30.80
C3 EPE AA . -18.10 -21.84 -31.53
N4 EPE AA . -17.94 -21.12 -32.81
C5 EPE AA . -19.24 -20.95 -33.47
C6 EPE AA . -20.23 -21.99 -32.98
C7 EPE AA . -17.25 -19.83 -32.61
C8 EPE AA . -16.03 -19.64 -33.48
O8 EPE AA . -16.38 -19.46 -34.84
C9 EPE AA . -21.24 -22.95 -30.99
C10 EPE AA . -22.42 -22.55 -30.11
S EPE AA . -23.05 -23.84 -29.17
O1S EPE AA . -21.92 -24.62 -28.71
O2S EPE AA . -23.79 -23.24 -28.08
O3S EPE AA . -23.91 -24.59 -30.08
C1 EDO BA . -12.08 -23.28 -26.92
O1 EDO BA . -13.38 -23.81 -26.74
C2 EDO BA . -12.13 -21.95 -27.72
O2 EDO BA . -10.85 -21.35 -27.79
C1 EDO CA . -2.58 -0.84 -9.65
O1 EDO CA . -2.49 0.05 -10.75
C2 EDO CA . -2.21 -2.28 -10.08
O2 EDO CA . -2.45 -3.17 -8.99
C1 EDO DA . 1.97 -13.67 1.58
O1 EDO DA . 2.65 -13.94 2.80
C2 EDO DA . 3.05 -13.46 0.50
O2 EDO DA . 2.48 -13.04 -0.73
C1 EDO EA . 24.26 -14.72 -31.54
O1 EDO EA . 23.55 -13.75 -32.29
C2 EDO EA . 25.46 -14.12 -30.75
O2 EDO EA . 25.08 -13.15 -29.73
C1 EDO FA . 10.84 -10.69 -23.70
O1 EDO FA . 9.89 -11.34 -24.54
C2 EDO FA . 12.28 -11.23 -23.94
O2 EDO FA . 13.01 -10.27 -24.70
C1 EDO GA . 4.29 -14.38 -26.88
O1 EDO GA . 2.90 -14.44 -26.63
C2 EDO GA . 4.84 -13.01 -26.41
O2 EDO GA . 4.53 -12.78 -25.04
C1 EDO HA . 21.17 -15.83 -33.50
O1 EDO HA . 19.82 -16.16 -33.79
C2 EDO HA . 21.97 -15.63 -34.81
O2 EDO HA . 21.34 -14.64 -35.62
#